data_4APQ
#
_entry.id   4APQ
#
_cell.length_a   95.110
_cell.length_b   95.110
_cell.length_c   291.400
_cell.angle_alpha   90.00
_cell.angle_beta   90.00
_cell.angle_gamma   90.00
#
_symmetry.space_group_name_H-M   'P 41 21 2'
#
loop_
_entity.id
_entity.type
_entity.pdbx_description
1 polymer 'ANTIGEN-PRESENTING GLYCOPROTEIN CD1D1'
2 polymer BETA-2-MICROGLOBULIN
3 polymer 'MOUSE NKT TCR VALPHA14, HUMAN NKT TCR VALPHA14'
4 polymer 'MOUSE NKT TCR AUTOREACTIVE-VBETA6, HUMAN NKT TCR AUTOREACTIVE-VBETA6'
5 branched 2-acetamido-2-deoxy-beta-D-glucopyranose-(1-4)-2-acetamido-2-deoxy-beta-D-glucopyranose
6 branched alpha-D-mannopyranose-(1-4)-beta-D-mannopyranose-(1-4)-2-acetamido-2-deoxy-beta-D-glucopyranose-(1-4)-2-acetamido-2-deoxy-beta-D-glucopyranose
7 branched beta-D-mannopyranose-(1-4)-2-acetamido-2-deoxy-beta-D-glucopyranose-(1-4)-2-acetamido-2-deoxy-beta-D-glucopyranose
8 non-polymer (15Z)-N-((1S,2R,3E)-2-HYDROXY-1-{[(3-O-SULFO-BETA-D-GALACTOPYRANOSYL)OXY]METHYL}HEPTADEC-3-ENYL)TETRACOS-15-ENAMIDE
9 water water
#
loop_
_entity_poly.entity_id
_entity_poly.type
_entity_poly.pdbx_seq_one_letter_code
_entity_poly.pdbx_strand_id
1 'polypeptide(L)'
;SEAQQKNYTFRCLQMSSFANRSWSRTDSVVWLGDLQTHRWSNDSATISFTKPWSQGKLSNQQWEKLQHMFQVYRVSFTRD
IQELVKMMSPKEDYPIEIQLSAGCEMYPGNASESFLHVAFQGKYVVRFWGTSWQTVPGAPSWLDLPIKVLNADQGTSATV
QMLLNDTCPLFVRGLLEAGKSDLEKQEKPVAWLSSVPSSAHGHRQLVCHVSGFYPKPVWVMWMRGDQEQQGTHRGDFLPN
ADETWYLQATLDVEAGEEAGLACRVKHSSLGGQDIILYWGSLHHILDAQKMVWNHRHHHHHH
;
A
2 'polypeptide(L)'
;IQKTPQIQVYSRHPPENGKPNILNCYVTQFHPPHIEIQMLKNGKKIPKVEMSDMSFSKDWSFYILAHTEFTPTETDTYAC
RVKHASMAEPKTVYWDRDM
;
B
3 'polypeptide(L)'
;TQVEQSPQSLVVRQGENSVLQCNYSVTPDNHLRWFKQDTGKGLVSLTVLVDQKDKTSNGRYSATLDKDAKHSTLHITATL
LDDTATYICVVGDRGSALGRLHFGAGTQLIVIPDIQNPDPAVYQLRDSKSSDKSVCLFTDFDSQTNVSQSKDSDVYITDK
CVLDMRSMDFKSNSAVAWSNKSDFACANAFNNSIIPEDTFFPSPESS
;
C
4 'polypeptide(L)'
;GGIITQTPKFLIGQEGQKLTLKCQQNFNHDTMYWYRQDSGKGLRLIYYSYGAGSTEKGDLSEGYDASREKKSSFSLTVTS
AQKNEMAVFLCASGSLLDVREVFFGKGTRLTVVEDLKNVFPPEVAVFEPSEAEISHTQKATLVCLATGFYPDHVELSWWV
NGKEVHSGVCTDPQPLKEQPALNDSRYALSSRLRVSATFWQNPRNHFRCQVQFYGLSENDEWTQDRAKPVTQIVSAEAWG
RAD
;
D
#
loop_
_chem_comp.id
_chem_comp.type
_chem_comp.name
_chem_comp.formula
BMA D-saccharide, beta linking beta-D-mannopyranose 'C6 H12 O6'
CIS non-polymer (15Z)-N-((1S,2R,3E)-2-HYDROXY-1-{[(3-O-SULFO-BETA-D-GALACTOPYRANOSYL)OXY]METHYL}HEPTADEC-3-ENYL)TETRACOS-15-ENAMIDE 'C48 H91 N O11 S'
MAN D-saccharide, alpha linking alpha-D-mannopyranose 'C6 H12 O6'
NAG D-saccharide, beta linking 2-acetamido-2-deoxy-beta-D-glucopyranose 'C8 H15 N O6'
#
# COMPACT_ATOMS: atom_id res chain seq x y z
N LYS A 6 -14.35 29.38 26.76
CA LYS A 6 -13.31 29.00 25.80
C LYS A 6 -11.97 29.57 26.24
N ASN A 7 -10.90 28.72 26.31
CA ASN A 7 -9.59 29.23 26.72
C ASN A 7 -8.42 28.67 25.83
N TYR A 8 -8.04 27.38 25.95
CA TYR A 8 -6.88 26.89 25.18
C TYR A 8 -7.25 25.95 24.03
N THR A 9 -6.57 26.15 22.87
CA THR A 9 -6.75 25.35 21.65
C THR A 9 -5.47 24.56 21.37
N PHE A 10 -5.63 23.25 21.29
CA PHE A 10 -4.56 22.34 21.00
C PHE A 10 -4.58 22.06 19.52
N ARG A 11 -3.46 22.28 18.83
CA ARG A 11 -3.39 22.06 17.40
C ARG A 11 -2.20 21.25 17.01
N CYS A 12 -2.43 20.22 16.22
CA CYS A 12 -1.38 19.40 15.63
C CYS A 12 -1.39 19.74 14.18
N LEU A 13 -0.31 20.38 13.72
CA LEU A 13 -0.22 20.86 12.35
C LEU A 13 0.69 20.01 11.52
N GLN A 14 0.14 19.43 10.43
CA GLN A 14 0.91 18.62 9.49
C GLN A 14 1.07 19.39 8.16
N MET A 15 2.30 19.43 7.59
CA MET A 15 2.60 20.08 6.31
C MET A 15 3.29 19.08 5.41
N SER A 16 2.56 18.50 4.43
CA SER A 16 3.10 17.50 3.50
C SER A 16 3.20 18.09 2.09
N SER A 17 4.39 17.99 1.51
CA SER A 17 4.70 18.50 0.18
C SER A 17 5.09 17.35 -0.72
N PHE A 18 4.38 17.23 -1.85
CA PHE A 18 4.65 16.23 -2.87
C PHE A 18 5.06 16.95 -4.13
N ALA A 19 6.33 16.80 -4.53
CA ALA A 19 6.85 17.49 -5.72
C ALA A 19 6.60 16.67 -6.97
N ASN A 20 6.56 15.33 -6.82
CA ASN A 20 6.38 14.36 -7.89
C ASN A 20 6.27 12.95 -7.32
N ARG A 21 6.33 11.94 -8.21
CA ARG A 21 6.30 10.52 -7.90
C ARG A 21 7.42 10.11 -6.90
N SER A 22 8.64 10.63 -7.08
CA SER A 22 9.80 10.27 -6.28
C SER A 22 9.94 11.11 -4.96
N TRP A 23 9.84 12.45 -5.04
CA TRP A 23 10.05 13.38 -3.91
C TRP A 23 8.82 13.77 -3.10
N SER A 24 8.93 13.58 -1.76
CA SER A 24 7.93 13.96 -0.75
C SER A 24 8.59 14.33 0.57
N ARG A 25 7.87 15.07 1.42
CA ARG A 25 8.34 15.36 2.77
C ARG A 25 7.16 15.83 3.62
N THR A 26 7.12 15.39 4.90
CA THR A 26 6.04 15.72 5.83
C THR A 26 6.64 16.22 7.15
N ASP A 27 6.25 17.44 7.56
CA ASP A 27 6.75 18.01 8.80
C ASP A 27 5.59 18.51 9.63
N SER A 28 5.72 18.45 10.97
CA SER A 28 4.67 18.81 11.91
C SER A 28 5.19 19.68 13.03
N VAL A 29 4.26 20.38 13.71
CA VAL A 29 4.46 21.25 14.87
C VAL A 29 3.22 21.13 15.72
N VAL A 30 3.33 21.21 17.02
CA VAL A 30 2.14 21.07 17.83
C VAL A 30 2.03 22.29 18.76
N TRP A 31 0.84 22.90 18.79
CA TRP A 31 0.59 24.12 19.53
C TRP A 31 -0.49 23.99 20.61
N LEU A 32 -0.12 24.33 21.85
CA LEU A 32 -1.04 24.50 22.99
C LEU A 32 -1.06 26.00 23.19
N GLY A 33 -2.15 26.62 22.71
CA GLY A 33 -2.32 28.06 22.66
C GLY A 33 -1.27 28.66 21.74
N ASP A 34 -0.55 29.66 22.24
CA ASP A 34 0.53 30.27 21.47
C ASP A 34 1.93 29.61 21.79
N LEU A 35 1.98 28.47 22.50
CA LEU A 35 3.25 27.82 22.81
C LEU A 35 3.42 26.48 22.08
N GLN A 36 4.55 26.27 21.38
CA GLN A 36 4.69 24.98 20.70
C GLN A 36 5.21 23.96 21.71
N THR A 37 4.62 22.75 21.66
CA THR A 37 4.89 21.64 22.56
C THR A 37 5.67 20.53 21.89
N HIS A 38 5.41 20.31 20.60
CA HIS A 38 6.07 19.24 19.84
C HIS A 38 6.59 19.73 18.49
N ARG A 39 7.57 19.02 17.95
CA ARG A 39 8.17 19.30 16.65
C ARG A 39 8.53 17.96 16.03
N TRP A 40 8.13 17.71 14.77
CA TRP A 40 8.43 16.46 14.10
C TRP A 40 8.98 16.69 12.71
N SER A 41 10.31 16.65 12.56
CA SER A 41 10.93 16.82 11.25
C SER A 41 10.76 15.58 10.37
N ASN A 42 10.87 15.73 9.06
CA ASN A 42 10.77 14.63 8.11
C ASN A 42 11.96 13.69 8.27
N ASP A 43 13.09 14.23 8.75
CA ASP A 43 14.33 13.50 8.97
C ASP A 43 14.33 12.80 10.33
N SER A 44 13.50 13.27 11.30
CA SER A 44 13.36 12.66 12.63
C SER A 44 12.27 11.63 12.61
N ALA A 45 12.62 10.40 13.00
CA ALA A 45 11.72 9.25 13.05
C ALA A 45 10.98 9.20 14.39
N THR A 46 11.28 10.16 15.29
CA THR A 46 10.62 10.30 16.60
C THR A 46 10.18 11.75 16.83
N ILE A 47 8.95 11.91 17.40
CA ILE A 47 8.34 13.18 17.81
C ILE A 47 9.19 13.77 18.91
N SER A 48 9.67 15.00 18.71
CA SER A 48 10.53 15.71 19.63
C SER A 48 9.73 16.70 20.49
N PHE A 49 9.98 16.68 21.81
CA PHE A 49 9.36 17.56 22.81
C PHE A 49 10.05 18.90 22.78
N THR A 50 9.28 19.99 22.83
CA THR A 50 9.86 21.33 22.78
C THR A 50 9.75 22.07 24.14
N LYS A 51 9.01 21.50 25.12
CA LYS A 51 8.83 21.97 26.50
C LYS A 51 9.12 20.81 27.43
N PRO A 52 9.54 20.99 28.70
CA PRO A 52 9.80 19.82 29.55
C PRO A 52 8.55 19.02 29.93
N TRP A 53 7.35 19.63 29.79
CA TRP A 53 6.05 19.05 30.14
C TRP A 53 5.25 18.55 28.91
N SER A 54 5.94 18.33 27.80
CA SER A 54 5.34 17.98 26.53
C SER A 54 4.69 16.57 26.49
N GLN A 55 5.14 15.61 27.34
CA GLN A 55 4.55 14.27 27.39
C GLN A 55 3.19 14.34 28.10
N GLY A 56 2.95 15.45 28.81
CA GLY A 56 1.75 15.67 29.59
C GLY A 56 1.73 14.73 30.77
N LYS A 57 0.58 14.16 31.05
CA LYS A 57 0.51 13.22 32.16
C LYS A 57 0.44 11.77 31.61
N LEU A 58 0.85 11.54 30.34
CA LEU A 58 0.90 10.20 29.70
C LEU A 58 2.09 9.41 30.22
N SER A 59 1.93 8.09 30.45
CA SER A 59 3.08 7.27 30.88
C SER A 59 4.01 7.04 29.67
N ASN A 60 5.27 6.59 29.91
CA ASN A 60 6.24 6.35 28.83
C ASN A 60 5.70 5.31 27.84
N GLN A 61 5.07 4.20 28.36
CA GLN A 61 4.46 3.16 27.52
C GLN A 61 3.24 3.75 26.75
N GLN A 62 2.38 4.58 27.41
CA GLN A 62 1.24 5.24 26.76
C GLN A 62 1.70 6.08 25.56
N TRP A 63 2.73 6.95 25.82
CA TRP A 63 3.34 7.87 24.85
C TRP A 63 3.96 7.08 23.71
N GLU A 64 4.72 6.02 24.03
CA GLU A 64 5.37 5.18 23.04
C GLU A 64 4.36 4.55 22.08
N LYS A 65 3.18 4.13 22.60
CA LYS A 65 2.10 3.55 21.81
C LYS A 65 1.58 4.59 20.82
N LEU A 66 1.49 5.88 21.24
CA LEU A 66 1.06 6.97 20.35
C LEU A 66 2.11 7.26 19.27
N GLN A 67 3.37 7.48 19.70
CA GLN A 67 4.48 7.80 18.80
C GLN A 67 4.58 6.75 17.68
N HIS A 68 4.42 5.46 18.04
CA HIS A 68 4.47 4.36 17.09
C HIS A 68 3.27 4.44 16.14
N MET A 69 2.10 4.78 16.68
CA MET A 69 0.87 4.94 15.92
C MET A 69 1.14 5.94 14.80
N PHE A 70 1.54 7.19 15.19
CA PHE A 70 1.91 8.29 14.31
C PHE A 70 3.08 7.96 13.36
N GLN A 71 4.10 7.20 13.84
CA GLN A 71 5.25 6.80 13.02
C GLN A 71 4.72 6.07 11.77
N VAL A 72 3.90 5.02 11.99
CA VAL A 72 3.26 4.16 10.99
C VAL A 72 2.39 5.00 10.05
N TYR A 73 1.55 5.89 10.62
CA TYR A 73 0.63 6.75 9.87
C TYR A 73 1.36 7.59 8.80
N ARG A 74 2.47 8.28 9.18
CA ARG A 74 3.20 9.17 8.29
C ARG A 74 3.61 8.47 6.97
N VAL A 75 4.10 7.21 7.04
CA VAL A 75 4.54 6.47 5.86
C VAL A 75 3.35 6.05 5.01
N SER A 76 2.22 5.76 5.70
CA SER A 76 0.99 5.29 5.11
C SER A 76 0.32 6.42 4.35
N PHE A 77 0.26 7.61 4.95
CA PHE A 77 -0.33 8.83 4.38
C PHE A 77 0.40 9.25 3.10
N THR A 78 1.77 9.29 3.16
CA THR A 78 2.66 9.65 2.06
C THR A 78 2.40 8.77 0.85
N ARG A 79 2.30 7.43 1.04
CA ARG A 79 1.99 6.51 -0.05
C ARG A 79 0.55 6.67 -0.53
N ASP A 80 -0.43 6.76 0.40
CA ASP A 80 -1.85 6.88 0.00
C ASP A 80 -2.06 8.07 -0.94
N ILE A 81 -1.42 9.22 -0.66
CA ILE A 81 -1.50 10.35 -1.59
C ILE A 81 -0.81 9.98 -2.93
N GLN A 82 0.42 9.37 -2.87
CA GLN A 82 1.17 8.98 -4.06
C GLN A 82 0.28 8.09 -4.95
N GLU A 83 -0.61 7.26 -4.32
CA GLU A 83 -1.56 6.40 -5.01
C GLU A 83 -2.75 7.17 -5.53
N LEU A 84 -3.27 8.11 -4.73
CA LEU A 84 -4.43 8.92 -5.18
C LEU A 84 -4.12 9.77 -6.40
N VAL A 85 -2.83 10.15 -6.63
CA VAL A 85 -2.44 10.91 -7.82
C VAL A 85 -2.50 10.01 -9.03
N LYS A 86 -2.17 8.72 -8.81
CA LYS A 86 -2.23 7.71 -9.85
C LYS A 86 -3.69 7.59 -10.30
N MET A 87 -4.58 7.32 -9.34
CA MET A 87 -6.02 7.16 -9.54
C MET A 87 -6.74 8.39 -10.14
N MET A 88 -6.36 9.63 -9.68
CA MET A 88 -6.96 10.92 -10.06
C MET A 88 -6.32 11.53 -11.30
N SER A 89 -5.50 10.75 -12.02
CA SER A 89 -4.72 11.02 -13.24
C SER A 89 -4.88 12.40 -13.80
N PRO A 90 -5.90 12.80 -14.63
CA PRO A 90 -5.88 14.18 -15.18
C PRO A 90 -6.55 15.23 -14.28
N LYS A 91 -7.54 14.83 -13.42
CA LYS A 91 -8.30 15.70 -12.49
C LYS A 91 -7.39 16.47 -11.57
N GLU A 92 -6.29 15.85 -11.13
CA GLU A 92 -5.25 16.48 -10.32
C GLU A 92 -3.90 15.74 -10.52
N ASP A 93 -2.78 16.47 -10.30
CA ASP A 93 -1.41 15.97 -10.43
C ASP A 93 -0.44 16.84 -9.61
N TYR A 94 0.85 16.48 -9.67
CA TYR A 94 1.89 17.21 -8.96
C TYR A 94 2.15 18.58 -9.58
N PRO A 95 2.68 19.56 -8.81
CA PRO A 95 3.07 19.46 -7.39
C PRO A 95 1.84 19.56 -6.50
N ILE A 96 1.81 18.77 -5.42
CA ILE A 96 0.68 18.74 -4.50
C ILE A 96 1.11 19.26 -3.14
N GLU A 97 0.23 20.05 -2.51
CA GLU A 97 0.44 20.53 -1.16
C GLU A 97 -0.76 20.22 -0.27
N ILE A 98 -0.54 19.50 0.86
CA ILE A 98 -1.60 19.15 1.82
C ILE A 98 -1.24 19.65 3.25
N GLN A 99 -2.24 20.22 3.95
CA GLN A 99 -2.17 20.69 5.33
C GLN A 99 -3.23 20.03 6.18
N LEU A 100 -2.86 19.67 7.42
CA LEU A 100 -3.79 19.05 8.35
C LEU A 100 -3.78 19.76 9.62
N SER A 101 -4.97 20.07 10.14
CA SER A 101 -5.13 20.68 11.43
C SER A 101 -5.99 19.79 12.28
N ALA A 102 -5.39 19.06 13.21
CA ALA A 102 -6.13 18.18 14.11
C ALA A 102 -5.92 18.60 15.58
N GLY A 103 -7.01 18.68 16.36
CA GLY A 103 -6.91 19.08 17.76
C GLY A 103 -8.20 19.28 18.54
N CYS A 104 -8.07 19.99 19.68
CA CYS A 104 -9.10 20.26 20.68
C CYS A 104 -9.22 21.70 20.99
N GLU A 105 -10.43 22.19 21.19
CA GLU A 105 -10.64 23.52 21.76
C GLU A 105 -11.20 23.17 23.16
N MET A 106 -10.43 23.51 24.21
CA MET A 106 -10.75 23.15 25.59
C MET A 106 -11.49 24.25 26.34
N TYR A 107 -12.68 23.90 26.87
CA TYR A 107 -13.57 24.77 27.61
C TYR A 107 -13.69 24.30 29.06
N PRO A 108 -14.17 25.17 30.01
CA PRO A 108 -14.30 24.75 31.42
C PRO A 108 -15.12 23.48 31.68
N GLY A 109 -14.68 22.74 32.71
CA GLY A 109 -15.29 21.50 33.19
C GLY A 109 -14.80 20.24 32.51
N ASN A 110 -15.67 19.67 31.68
CA ASN A 110 -15.43 18.48 30.84
C ASN A 110 -15.57 18.90 29.36
N ALA A 111 -16.00 20.15 29.11
CA ALA A 111 -16.29 20.72 27.80
C ALA A 111 -15.06 20.79 26.92
N SER A 112 -15.22 20.23 25.71
CA SER A 112 -14.23 20.11 24.65
C SER A 112 -14.93 19.90 23.31
N GLU A 113 -14.39 20.49 22.24
CA GLU A 113 -14.82 20.29 20.86
C GLU A 113 -13.58 19.87 20.09
N SER A 114 -13.69 18.80 19.28
CA SER A 114 -12.54 18.30 18.53
C SER A 114 -12.69 18.55 17.04
N PHE A 115 -11.56 18.63 16.33
CA PHE A 115 -11.58 18.90 14.89
C PHE A 115 -10.45 18.20 14.14
N LEU A 116 -10.66 17.95 12.83
CA LEU A 116 -9.66 17.44 11.89
C LEU A 116 -10.00 18.05 10.53
N HIS A 117 -9.17 19.01 10.08
CA HIS A 117 -9.37 19.77 8.85
C HIS A 117 -8.21 19.59 7.92
N VAL A 118 -8.52 19.36 6.64
CA VAL A 118 -7.52 19.14 5.61
C VAL A 118 -7.67 20.18 4.53
N ALA A 119 -6.55 20.88 4.27
CA ALA A 119 -6.45 21.88 3.21
C ALA A 119 -5.69 21.29 2.05
N PHE A 120 -6.21 21.49 0.86
CA PHE A 120 -5.58 20.99 -0.34
C PHE A 120 -5.18 22.18 -1.18
N GLN A 121 -3.89 22.22 -1.51
CA GLN A 121 -3.26 23.27 -2.30
C GLN A 121 -3.55 24.66 -1.76
N GLY A 122 -3.69 24.77 -0.43
CA GLY A 122 -3.92 26.03 0.24
C GLY A 122 -5.35 26.27 0.71
N LYS A 123 -6.34 25.68 0.03
CA LYS A 123 -7.78 25.84 0.32
C LYS A 123 -8.29 24.72 1.26
N TYR A 124 -9.19 25.03 2.21
CA TYR A 124 -9.76 23.99 3.08
C TYR A 124 -10.81 23.28 2.30
N VAL A 125 -10.69 21.93 2.15
CA VAL A 125 -11.61 21.14 1.31
C VAL A 125 -12.26 19.98 2.04
N VAL A 126 -11.59 19.35 3.03
CA VAL A 126 -12.13 18.16 3.70
C VAL A 126 -12.03 18.32 5.19
N ARG A 127 -12.98 17.70 5.90
CA ARG A 127 -12.99 17.59 7.36
C ARG A 127 -13.41 16.20 7.73
N PHE A 128 -12.94 15.66 8.85
CA PHE A 128 -13.39 14.38 9.38
C PHE A 128 -14.55 14.70 10.30
N TRP A 129 -15.74 14.26 9.97
CA TRP A 129 -16.86 14.67 10.78
C TRP A 129 -17.62 13.45 11.29
N GLY A 130 -17.63 13.30 12.61
CA GLY A 130 -18.30 12.21 13.29
C GLY A 130 -17.59 10.88 13.10
N THR A 131 -17.98 10.14 12.06
CA THR A 131 -17.42 8.82 11.77
C THR A 131 -16.89 8.69 10.33
N SER A 132 -16.78 9.79 9.58
CA SER A 132 -16.35 9.74 8.19
C SER A 132 -15.65 11.00 7.71
N TRP A 133 -14.94 10.89 6.57
CA TRP A 133 -14.35 12.06 5.91
C TRP A 133 -15.45 12.77 5.15
N GLN A 134 -15.37 14.08 5.05
CA GLN A 134 -16.40 14.86 4.37
C GLN A 134 -15.83 16.02 3.62
N THR A 135 -16.40 16.32 2.45
CA THR A 135 -15.98 17.53 1.78
C THR A 135 -16.78 18.65 2.41
N VAL A 136 -16.24 19.85 2.32
CA VAL A 136 -16.85 21.04 2.90
C VAL A 136 -17.35 21.94 1.76
N PRO A 137 -18.32 22.85 2.02
CA PRO A 137 -18.81 23.73 0.95
C PRO A 137 -17.70 24.43 0.12
N GLY A 138 -17.83 24.26 -1.20
CA GLY A 138 -16.94 24.83 -2.21
C GLY A 138 -15.76 23.98 -2.63
N ALA A 139 -15.71 22.70 -2.17
CA ALA A 139 -14.61 21.79 -2.49
C ALA A 139 -14.70 21.35 -3.94
N PRO A 140 -13.57 21.07 -4.65
CA PRO A 140 -13.70 20.56 -6.03
C PRO A 140 -14.48 19.24 -6.06
N SER A 141 -15.36 19.10 -7.05
CA SER A 141 -16.21 17.92 -7.23
C SER A 141 -15.45 16.59 -7.24
N TRP A 142 -14.25 16.50 -7.88
CA TRP A 142 -13.44 15.29 -8.04
C TRP A 142 -13.00 14.67 -6.70
N LEU A 143 -13.18 15.39 -5.59
CA LEU A 143 -12.81 14.88 -4.28
C LEU A 143 -13.76 13.80 -3.79
N ASP A 144 -14.90 13.63 -4.47
CA ASP A 144 -15.94 12.68 -4.13
C ASP A 144 -15.44 11.24 -4.17
N LEU A 145 -14.64 10.88 -5.20
CA LEU A 145 -14.08 9.54 -5.33
C LEU A 145 -13.03 9.29 -4.25
N PRO A 146 -11.98 10.13 -4.10
CA PRO A 146 -11.06 9.93 -2.98
C PRO A 146 -11.77 9.77 -1.63
N ILE A 147 -12.87 10.52 -1.35
CA ILE A 147 -13.57 10.42 -0.06
C ILE A 147 -14.26 9.08 0.04
N LYS A 148 -15.07 8.72 -0.98
CA LYS A 148 -15.74 7.41 -1.07
C LYS A 148 -14.72 6.26 -0.87
N VAL A 149 -13.48 6.41 -1.46
CA VAL A 149 -12.37 5.45 -1.35
C VAL A 149 -11.84 5.41 0.09
N LEU A 150 -11.49 6.56 0.73
CA LEU A 150 -10.96 6.61 2.09
C LEU A 150 -11.97 6.14 3.14
N ASN A 151 -13.26 6.51 2.96
CA ASN A 151 -14.32 6.14 3.88
C ASN A 151 -14.63 4.60 3.85
N ALA A 152 -14.10 3.88 2.84
CA ALA A 152 -14.18 2.42 2.76
C ALA A 152 -13.40 1.79 3.95
N ASP A 153 -12.24 2.43 4.37
CA ASP A 153 -11.38 1.98 5.51
C ASP A 153 -12.08 2.27 6.83
N GLN A 154 -12.54 1.21 7.53
CA GLN A 154 -13.26 1.33 8.80
C GLN A 154 -12.28 1.42 10.00
N GLY A 155 -11.04 0.94 9.83
CA GLY A 155 -9.99 0.97 10.86
C GLY A 155 -9.50 2.38 11.16
N THR A 156 -9.16 3.11 10.11
CA THR A 156 -8.75 4.49 10.21
C THR A 156 -9.83 5.28 10.89
N SER A 157 -11.10 5.08 10.47
CA SER A 157 -12.23 5.81 11.06
C SER A 157 -12.26 5.63 12.59
N ALA A 158 -12.15 4.37 13.06
CA ALA A 158 -12.13 3.96 14.46
C ALA A 158 -10.93 4.59 15.19
N THR A 159 -9.72 4.51 14.57
CA THR A 159 -8.47 5.05 15.12
C THR A 159 -8.63 6.57 15.33
N VAL A 160 -9.11 7.27 14.29
CA VAL A 160 -9.33 8.71 14.29
C VAL A 160 -10.40 9.05 15.35
N GLN A 161 -11.60 8.42 15.29
CA GLN A 161 -12.66 8.64 16.29
C GLN A 161 -12.11 8.55 17.70
N MET A 162 -11.21 7.58 17.96
CA MET A 162 -10.57 7.36 19.26
C MET A 162 -9.77 8.56 19.67
N LEU A 163 -9.00 9.15 18.73
CA LEU A 163 -8.12 10.26 19.00
C LEU A 163 -8.91 11.52 19.31
N LEU A 164 -9.69 11.99 18.33
CA LEU A 164 -10.52 13.20 18.46
C LEU A 164 -11.44 13.19 19.66
N ASN A 165 -12.24 12.13 19.84
CA ASN A 165 -13.21 12.03 20.93
C ASN A 165 -12.59 11.84 22.30
N ASP A 166 -11.73 10.81 22.47
CA ASP A 166 -11.20 10.46 23.79
C ASP A 166 -9.73 10.91 24.03
N THR A 167 -8.78 10.50 23.16
CA THR A 167 -7.34 10.73 23.37
C THR A 167 -6.98 12.21 23.43
N CYS A 168 -7.22 13.01 22.36
CA CYS A 168 -6.87 14.44 22.31
C CYS A 168 -7.41 15.15 23.58
N PRO A 169 -8.73 15.13 23.94
CA PRO A 169 -9.16 15.88 25.14
C PRO A 169 -8.42 15.48 26.42
N LEU A 170 -8.25 14.15 26.60
CA LEU A 170 -7.56 13.54 27.74
C LEU A 170 -6.13 14.03 27.80
N PHE A 171 -5.40 13.89 26.69
CA PHE A 171 -4.02 14.33 26.53
C PHE A 171 -3.87 15.75 26.95
N VAL A 172 -4.55 16.70 26.23
CA VAL A 172 -4.47 18.15 26.45
C VAL A 172 -4.93 18.57 27.88
N ARG A 173 -5.83 17.80 28.55
CA ARG A 173 -6.23 18.12 29.94
C ARG A 173 -5.04 17.97 30.87
N GLY A 174 -4.27 16.90 30.65
CA GLY A 174 -3.03 16.61 31.37
C GLY A 174 -1.95 17.60 31.01
N LEU A 175 -1.84 17.90 29.70
CA LEU A 175 -0.92 18.90 29.14
C LEU A 175 -1.08 20.27 29.80
N LEU A 176 -2.32 20.63 30.16
CA LEU A 176 -2.64 21.90 30.80
C LEU A 176 -2.13 21.90 32.24
N GLU A 177 -2.39 20.82 33.04
CA GLU A 177 -1.88 20.71 34.42
C GLU A 177 -0.33 20.78 34.45
N ALA A 178 0.32 19.93 33.62
CA ALA A 178 1.78 19.78 33.48
C ALA A 178 2.50 21.09 33.18
N GLY A 179 1.97 21.85 32.23
CA GLY A 179 2.57 23.10 31.79
C GLY A 179 2.07 24.39 32.39
N LYS A 180 1.30 24.30 33.50
CA LYS A 180 0.67 25.44 34.17
C LYS A 180 1.62 26.59 34.40
N SER A 181 2.87 26.32 34.84
CA SER A 181 3.89 27.35 35.13
C SER A 181 4.28 28.19 33.89
N ASP A 182 4.36 27.54 32.70
CA ASP A 182 4.71 28.18 31.44
C ASP A 182 3.50 28.81 30.79
N LEU A 183 2.31 28.19 30.94
CA LEU A 183 1.10 28.72 30.33
C LEU A 183 0.60 29.99 31.03
N GLU A 184 0.69 30.04 32.38
CA GLU A 184 0.19 31.16 33.18
C GLU A 184 1.24 32.24 33.46
N LYS A 185 2.33 32.25 32.66
CA LYS A 185 3.45 33.19 32.87
C LYS A 185 3.07 34.62 32.56
N GLN A 186 3.82 35.57 33.14
CA GLN A 186 3.63 37.00 32.94
C GLN A 186 4.94 37.62 32.61
N GLU A 187 5.01 38.21 31.41
CA GLU A 187 6.18 38.90 30.89
C GLU A 187 5.81 40.34 30.60
N LYS A 188 6.54 41.27 31.23
CA LYS A 188 6.36 42.71 31.14
C LYS A 188 6.78 43.24 29.78
N PRO A 189 5.94 44.05 29.11
CA PRO A 189 6.39 44.65 27.84
C PRO A 189 7.41 45.76 28.09
N VAL A 190 8.19 46.13 27.05
CA VAL A 190 9.17 47.23 27.14
C VAL A 190 8.91 48.17 25.97
N ALA A 191 8.52 49.38 26.26
CA ALA A 191 8.17 50.25 25.14
C ALA A 191 9.23 51.31 24.84
N TRP A 192 9.25 51.73 23.57
CA TRP A 192 10.12 52.79 23.12
C TRP A 192 9.52 53.46 21.89
N LEU A 193 9.66 54.78 21.81
CA LEU A 193 9.14 55.59 20.72
C LEU A 193 10.19 55.83 19.63
N SER A 194 9.74 56.07 18.40
CA SER A 194 10.52 56.47 17.23
C SER A 194 9.63 57.31 16.31
N SER A 195 10.18 57.89 15.22
CA SER A 195 9.34 58.64 14.29
C SER A 195 9.93 58.68 12.88
N VAL A 196 9.06 58.76 11.87
CA VAL A 196 9.41 58.82 10.44
C VAL A 196 8.50 59.80 9.70
N PRO A 197 9.00 60.48 8.63
CA PRO A 197 8.13 61.31 7.79
C PRO A 197 6.90 60.58 7.24
N SER A 198 5.85 61.35 6.92
CA SER A 198 4.62 60.81 6.34
C SER A 198 4.61 61.03 4.86
N SER A 199 3.70 60.33 4.17
CA SER A 199 3.46 60.48 2.74
C SER A 199 3.24 61.97 2.44
N ALA A 200 2.34 62.61 3.21
CA ALA A 200 2.00 64.03 3.12
C ALA A 200 3.18 64.93 3.49
N HIS A 201 3.17 66.17 2.98
CA HIS A 201 4.20 67.14 3.32
C HIS A 201 3.99 67.61 4.77
N GLY A 202 5.10 67.95 5.44
CA GLY A 202 5.15 68.43 6.82
C GLY A 202 4.30 67.64 7.80
N HIS A 203 4.33 66.32 7.65
CA HIS A 203 3.58 65.39 8.47
C HIS A 203 4.50 64.28 8.90
N ARG A 204 4.39 63.86 10.19
CA ARG A 204 5.20 62.82 10.85
C ARG A 204 4.36 61.64 11.33
N GLN A 205 4.96 60.45 11.29
CA GLN A 205 4.34 59.24 11.80
C GLN A 205 5.08 58.83 13.06
N LEU A 206 4.34 58.61 14.17
CA LEU A 206 4.95 58.31 15.46
C LEU A 206 4.81 56.85 15.77
N VAL A 207 5.94 56.15 15.94
CA VAL A 207 5.87 54.73 16.21
C VAL A 207 6.11 54.47 17.67
N CYS A 208 5.22 53.71 18.29
CA CYS A 208 5.36 53.29 19.67
C CYS A 208 5.58 51.78 19.67
N HIS A 209 6.78 51.35 20.02
CA HIS A 209 7.15 49.94 19.99
C HIS A 209 6.91 49.27 21.34
N VAL A 210 6.20 48.17 21.33
CA VAL A 210 5.96 47.40 22.54
C VAL A 210 6.51 45.98 22.32
N SER A 211 7.44 45.51 23.17
CA SER A 211 8.03 44.19 22.96
C SER A 211 8.33 43.43 24.28
N GLY A 212 8.24 42.12 24.18
CA GLY A 212 8.58 41.19 25.23
C GLY A 212 7.48 40.79 26.18
N PHE A 213 6.24 41.18 25.85
CA PHE A 213 5.11 40.86 26.70
C PHE A 213 4.55 39.47 26.42
N TYR A 214 3.99 38.87 27.45
CA TYR A 214 3.27 37.60 27.44
C TYR A 214 2.32 37.63 28.65
N PRO A 215 1.03 37.22 28.53
CA PRO A 215 0.34 36.63 27.36
C PRO A 215 0.09 37.67 26.25
N LYS A 216 -0.53 37.22 25.14
CA LYS A 216 -0.78 38.09 24.00
C LYS A 216 -1.65 39.33 24.34
N PRO A 217 -2.84 39.29 25.02
CA PRO A 217 -3.64 40.55 25.16
C PRO A 217 -2.94 41.73 25.88
N VAL A 218 -2.82 42.85 25.09
CA VAL A 218 -2.25 44.15 25.36
C VAL A 218 -3.15 45.27 24.80
N TRP A 219 -3.02 46.48 25.35
CA TRP A 219 -3.69 47.71 24.96
C TRP A 219 -2.62 48.73 24.76
N VAL A 220 -2.49 49.32 23.56
CA VAL A 220 -1.45 50.31 23.27
C VAL A 220 -2.10 51.50 22.62
N MET A 221 -2.17 52.63 23.31
CA MET A 221 -2.80 53.79 22.69
C MET A 221 -1.95 55.02 22.74
N TRP A 222 -2.23 55.97 21.82
CA TRP A 222 -1.59 57.29 21.81
C TRP A 222 -2.55 58.23 22.58
N MET A 223 -2.04 59.03 23.53
CA MET A 223 -2.83 59.92 24.38
C MET A 223 -2.36 61.35 24.29
N ARG A 224 -3.19 62.26 24.79
CA ARG A 224 -2.91 63.69 24.91
C ARG A 224 -3.74 64.07 26.15
N GLY A 225 -3.21 63.65 27.28
CA GLY A 225 -3.88 63.75 28.56
C GLY A 225 -4.68 62.48 28.76
N ASP A 226 -5.99 62.61 28.94
CA ASP A 226 -6.92 61.48 29.09
C ASP A 226 -7.52 61.17 27.71
N GLN A 227 -7.26 62.08 26.77
CA GLN A 227 -7.75 62.04 25.40
C GLN A 227 -7.02 61.01 24.51
N GLU A 228 -7.61 59.81 24.38
CA GLU A 228 -7.18 58.74 23.47
C GLU A 228 -7.24 59.22 22.00
N GLN A 229 -6.07 59.25 21.33
CA GLN A 229 -5.94 59.66 19.92
C GLN A 229 -6.51 58.58 19.04
N GLN A 230 -7.74 58.80 18.55
CA GLN A 230 -8.50 57.83 17.73
C GLN A 230 -7.80 57.49 16.39
N GLY A 231 -6.74 58.23 16.05
CA GLY A 231 -5.97 58.06 14.83
C GLY A 231 -4.95 56.94 14.90
N THR A 232 -4.77 56.38 16.11
CA THR A 232 -3.82 55.31 16.41
C THR A 232 -4.13 54.08 15.56
N HIS A 233 -3.08 53.52 14.91
CA HIS A 233 -3.23 52.34 14.08
CA HIS A 233 -3.21 52.31 14.08
C HIS A 233 -2.29 51.23 14.59
N ARG A 234 -2.89 50.27 15.35
CA ARG A 234 -2.19 49.14 15.92
C ARG A 234 -1.68 48.25 14.79
N GLY A 235 -0.49 47.73 14.94
CA GLY A 235 0.10 46.82 13.98
C GLY A 235 -0.37 45.41 14.27
N ASP A 236 0.18 44.42 13.54
CA ASP A 236 -0.20 43.04 13.78
C ASP A 236 0.79 42.39 14.75
N PHE A 237 0.31 41.64 15.74
CA PHE A 237 1.19 40.96 16.70
C PHE A 237 2.28 40.11 15.97
N LEU A 238 3.54 40.46 16.15
CA LEU A 238 4.65 39.69 15.55
C LEU A 238 5.36 38.93 16.67
N PRO A 239 5.80 37.69 16.48
CA PRO A 239 6.44 36.99 17.58
C PRO A 239 7.91 37.31 17.76
N ASN A 240 8.44 37.08 18.95
CA ASN A 240 9.87 37.14 19.20
C ASN A 240 10.34 35.70 19.31
N ALA A 241 11.65 35.46 19.19
CA ALA A 241 12.21 34.10 19.29
C ALA A 241 11.96 33.45 20.65
N ASP A 242 12.00 34.23 21.74
CA ASP A 242 11.81 33.76 23.12
C ASP A 242 10.35 33.58 23.55
N GLU A 243 9.46 33.21 22.62
CA GLU A 243 8.06 32.97 22.92
C GLU A 243 7.41 34.17 23.70
N THR A 244 7.62 35.40 23.17
CA THR A 244 7.04 36.66 23.64
C THR A 244 6.50 37.33 22.42
N TRP A 245 5.99 38.55 22.56
CA TRP A 245 5.33 39.26 21.48
C TRP A 245 5.83 40.69 21.27
N TYR A 246 5.67 41.18 20.06
CA TYR A 246 6.00 42.51 19.59
C TYR A 246 4.79 43.08 18.94
N LEU A 247 4.54 44.39 19.13
CA LEU A 247 3.43 45.12 18.54
C LEU A 247 3.82 46.56 18.48
N GLN A 248 3.35 47.30 17.48
CA GLN A 248 3.70 48.70 17.42
C GLN A 248 2.47 49.50 17.05
N ALA A 249 2.26 50.64 17.72
CA ALA A 249 1.12 51.53 17.48
C ALA A 249 1.59 52.82 16.84
N THR A 250 0.98 53.25 15.73
CA THR A 250 1.41 54.49 15.05
C THR A 250 0.39 55.66 15.16
N LEU A 251 0.87 56.86 15.00
CA LEU A 251 -0.01 58.03 14.99
C LEU A 251 0.56 59.01 14.01
N ASP A 252 -0.32 59.54 13.14
CA ASP A 252 0.07 60.51 12.13
C ASP A 252 -0.24 61.85 12.65
N VAL A 253 0.80 62.68 12.80
CA VAL A 253 0.69 64.03 13.34
C VAL A 253 1.28 65.08 12.37
N GLU A 254 0.96 66.36 12.63
CA GLU A 254 1.55 67.46 11.92
C GLU A 254 2.72 67.93 12.76
N ALA A 255 3.82 68.33 12.13
CA ALA A 255 5.01 68.77 12.85
C ALA A 255 4.70 69.84 13.92
N GLY A 256 5.02 69.49 15.17
CA GLY A 256 4.79 70.34 16.33
C GLY A 256 3.69 69.84 17.23
N GLU A 257 2.88 68.90 16.72
CA GLU A 257 1.79 68.32 17.50
C GLU A 257 2.32 67.18 18.37
N GLU A 258 3.62 66.94 18.33
CA GLU A 258 4.22 65.83 19.08
C GLU A 258 4.27 66.14 20.58
N ALA A 259 4.56 67.39 20.95
CA ALA A 259 4.62 67.81 22.35
C ALA A 259 3.27 67.58 23.04
N GLY A 260 3.29 66.83 24.14
CA GLY A 260 2.08 66.50 24.91
C GLY A 260 1.57 65.09 24.68
N LEU A 261 1.93 64.51 23.54
CA LEU A 261 1.51 63.17 23.22
C LEU A 261 2.34 62.17 24.00
N ALA A 262 1.71 61.05 24.38
CA ALA A 262 2.30 59.95 25.10
C ALA A 262 1.76 58.67 24.57
N CYS A 263 2.49 57.59 24.75
CA CYS A 263 2.05 56.28 24.37
C CYS A 263 1.73 55.52 25.62
N ARG A 264 0.44 55.12 25.81
CA ARG A 264 0.00 54.40 27.00
C ARG A 264 -0.13 52.89 26.74
N VAL A 265 0.60 52.07 27.52
CA VAL A 265 0.57 50.60 27.38
C VAL A 265 -0.07 49.98 28.60
N LYS A 266 -1.08 49.13 28.39
CA LYS A 266 -1.79 48.40 29.45
C LYS A 266 -1.52 46.90 29.31
N HIS A 267 -1.07 46.22 30.38
CA HIS A 267 -0.81 44.78 30.33
C HIS A 267 -0.96 44.14 31.70
N SER A 268 -1.32 42.83 31.69
CA SER A 268 -1.53 42.02 32.88
C SER A 268 -0.28 41.94 33.78
N SER A 269 0.93 41.84 33.18
CA SER A 269 2.21 41.75 33.89
C SER A 269 2.51 43.00 34.72
N LEU A 270 2.06 44.19 34.24
CA LEU A 270 2.29 45.46 34.92
C LEU A 270 1.49 45.59 36.23
N GLY A 271 0.29 45.00 36.27
CA GLY A 271 -0.55 45.00 37.45
C GLY A 271 -1.11 46.36 37.82
N GLY A 272 -1.82 46.97 36.86
CA GLY A 272 -2.48 48.28 37.00
C GLY A 272 -1.57 49.49 36.84
N GLN A 273 -0.24 49.25 36.73
CA GLN A 273 0.85 50.23 36.56
C GLN A 273 1.15 50.43 35.08
N ASP A 274 0.24 51.13 34.39
CA ASP A 274 0.31 51.40 32.96
C ASP A 274 1.53 52.22 32.57
N ILE A 275 2.23 51.76 31.52
CA ILE A 275 3.41 52.43 30.97
C ILE A 275 2.91 53.68 30.24
N ILE A 276 3.38 54.87 30.69
CA ILE A 276 3.06 56.13 30.01
C ILE A 276 4.41 56.64 29.51
N LEU A 277 4.54 56.70 28.20
CA LEU A 277 5.77 57.11 27.56
C LEU A 277 5.55 58.42 26.86
N TYR A 278 6.17 59.49 27.36
CA TYR A 278 5.91 60.81 26.77
C TYR A 278 6.88 61.19 25.68
N TRP A 279 6.33 61.74 24.60
CA TRP A 279 7.14 62.26 23.53
C TRP A 279 7.97 63.38 24.09
N GLY A 280 9.29 63.26 23.96
CA GLY A 280 10.20 64.29 24.44
C GLY A 280 10.55 64.19 25.90
N SER A 281 10.17 63.09 26.56
CA SER A 281 10.52 62.84 27.96
C SER A 281 12.05 62.68 28.12
N LEU A 282 12.56 62.84 29.36
CA LEU A 282 13.98 62.75 29.67
C LEU A 282 14.52 61.48 29.09
N HIS A 283 13.76 60.39 29.19
CA HIS A 283 14.15 59.08 28.72
C HIS A 283 14.11 59.01 27.25
N HIS A 284 13.08 59.60 26.62
CA HIS A 284 12.93 59.58 25.17
C HIS A 284 14.18 60.16 24.51
N ILE A 285 14.62 61.33 24.99
CA ILE A 285 15.75 62.06 24.47
C ILE A 285 16.96 61.18 24.59
N LEU A 286 17.19 60.64 25.79
CA LEU A 286 18.34 59.83 26.11
C LEU A 286 18.28 58.49 25.43
N ASP A 287 17.09 57.92 25.24
CA ASP A 287 17.01 56.65 24.52
C ASP A 287 17.28 56.89 23.01
N ALA A 288 16.79 58.03 22.46
CA ALA A 288 16.97 58.39 21.05
C ALA A 288 18.42 58.59 20.70
N GLN A 289 19.23 59.14 21.62
CA GLN A 289 20.66 59.38 21.35
C GLN A 289 21.40 58.04 21.05
N LYS A 290 21.02 56.96 21.75
CA LYS A 290 21.64 55.66 21.62
C LYS A 290 21.20 54.95 20.33
N MET A 291 20.16 55.45 19.66
CA MET A 291 19.70 54.79 18.44
C MET A 291 19.72 55.77 17.26
N VAL A 292 20.92 56.07 16.82
CA VAL A 292 21.11 56.99 15.72
C VAL A 292 21.78 56.23 14.61
N TRP A 293 21.47 56.58 13.35
CA TRP A 293 22.07 55.91 12.19
C TRP A 293 22.04 56.83 10.98
N ASN A 294 22.65 56.42 9.84
CA ASN A 294 22.74 57.24 8.63
C ASN A 294 21.56 57.04 7.62
N HIS A 295 20.57 56.21 7.93
CA HIS A 295 19.38 55.98 7.09
C HIS A 295 19.75 55.52 5.65
N ILE B 1 4.22 30.76 -6.47
CA ILE B 1 3.15 30.43 -7.39
C ILE B 1 1.85 31.11 -6.95
N GLN B 2 1.29 30.68 -5.80
CA GLN B 2 0.02 31.15 -5.25
C GLN B 2 0.13 32.51 -4.50
N LYS B 3 0.66 32.51 -3.26
CA LYS B 3 0.71 33.72 -2.45
C LYS B 3 2.15 34.24 -2.24
N THR B 4 2.31 35.57 -2.33
CA THR B 4 3.61 36.22 -2.23
C THR B 4 3.98 36.58 -0.75
N PRO B 5 5.24 36.32 -0.35
CA PRO B 5 5.60 36.48 1.06
C PRO B 5 5.63 37.91 1.58
N GLN B 6 5.52 38.06 2.92
CA GLN B 6 5.44 39.32 3.64
C GLN B 6 6.47 39.36 4.73
N ILE B 7 7.50 40.21 4.52
CA ILE B 7 8.68 40.30 5.37
C ILE B 7 8.65 41.50 6.29
N GLN B 8 8.76 41.22 7.59
CA GLN B 8 8.85 42.22 8.64
C GLN B 8 10.14 42.02 9.36
N VAL B 9 10.92 43.09 9.51
CA VAL B 9 12.22 43.05 10.15
C VAL B 9 12.20 44.00 11.35
N TYR B 10 12.21 43.43 12.56
CA TYR B 10 12.20 44.15 13.81
C TYR B 10 13.26 43.59 14.77
N SER B 11 13.67 44.39 15.77
CA SER B 11 14.60 43.96 16.81
C SER B 11 13.83 43.47 18.05
N ARG B 12 14.49 42.72 18.91
CA ARG B 12 13.85 42.19 20.11
C ARG B 12 13.66 43.29 21.14
N HIS B 13 14.77 44.00 21.43
CA HIS B 13 14.83 45.07 22.43
C HIS B 13 15.06 46.45 21.80
N PRO B 14 14.78 47.58 22.53
CA PRO B 14 15.12 48.90 21.98
C PRO B 14 16.59 48.95 21.55
N PRO B 15 16.85 49.36 20.28
CA PRO B 15 18.21 49.35 19.72
C PRO B 15 19.16 50.38 20.28
N GLU B 16 20.28 49.96 20.87
CA GLU B 16 21.28 50.94 21.34
C GLU B 16 22.55 50.67 20.61
N ASN B 17 23.06 51.64 19.84
CA ASN B 17 24.30 51.44 19.08
C ASN B 17 25.43 50.88 19.96
N GLY B 18 26.01 49.78 19.52
CA GLY B 18 27.10 49.18 20.25
C GLY B 18 26.69 48.16 21.29
N LYS B 19 25.40 48.17 21.66
CA LYS B 19 24.87 47.22 22.63
C LYS B 19 24.24 46.00 21.87
N PRO B 20 24.67 44.75 22.23
CA PRO B 20 24.14 43.53 21.55
C PRO B 20 22.65 43.31 21.71
N ASN B 21 22.00 42.89 20.60
CA ASN B 21 20.56 42.69 20.44
C ASN B 21 20.24 41.45 19.61
N ILE B 22 18.95 41.30 19.26
CA ILE B 22 18.41 40.20 18.46
C ILE B 22 17.59 40.78 17.35
N LEU B 23 17.93 40.43 16.09
CA LEU B 23 17.16 40.89 14.97
C LEU B 23 16.25 39.78 14.62
N ASN B 24 14.99 40.09 14.33
CA ASN B 24 14.00 39.09 13.95
C ASN B 24 13.50 39.40 12.54
N CYS B 25 13.31 38.37 11.72
CA CYS B 25 12.72 38.53 10.41
C CYS B 25 11.53 37.59 10.34
N TYR B 26 10.30 38.16 10.30
CA TYR B 26 9.07 37.41 10.30
C TYR B 26 8.55 37.34 8.90
N VAL B 27 8.49 36.11 8.31
CA VAL B 27 8.03 35.94 6.92
C VAL B 27 6.69 35.18 6.91
N THR B 28 5.64 35.77 6.29
CA THR B 28 4.28 35.21 6.27
C THR B 28 3.55 35.26 4.90
N GLN B 29 2.35 34.66 4.89
CA GLN B 29 1.37 34.69 3.81
C GLN B 29 1.81 34.06 2.50
N PHE B 30 2.96 33.39 2.46
CA PHE B 30 3.42 32.70 1.25
C PHE B 30 2.79 31.28 1.10
N HIS B 31 2.86 30.79 -0.15
CA HIS B 31 2.41 29.49 -0.59
C HIS B 31 2.99 29.22 -1.97
N PRO B 32 3.69 28.07 -2.24
CA PRO B 32 3.96 26.90 -1.37
C PRO B 32 4.90 27.18 -0.18
N PRO B 33 5.01 26.25 0.79
CA PRO B 33 5.91 26.47 1.93
C PRO B 33 7.40 26.46 1.60
N HIS B 34 7.84 25.99 0.41
CA HIS B 34 9.27 26.04 0.14
C HIS B 34 9.72 27.49 -0.05
N ILE B 35 10.62 27.94 0.85
CA ILE B 35 11.12 29.31 0.90
C ILE B 35 12.60 29.37 1.41
N GLU B 36 13.35 30.31 0.88
CA GLU B 36 14.73 30.52 1.28
C GLU B 36 14.83 31.87 2.04
N ILE B 37 15.35 31.89 3.28
CA ILE B 37 15.44 33.14 4.04
C ILE B 37 16.89 33.37 4.51
N GLN B 38 17.44 34.57 4.22
CA GLN B 38 18.78 34.89 4.67
C GLN B 38 18.82 36.30 5.25
N MET B 39 19.54 36.43 6.37
CA MET B 39 19.73 37.72 7.01
C MET B 39 21.14 38.19 6.67
N LEU B 40 21.29 39.46 6.27
CA LEU B 40 22.59 39.95 5.82
C LEU B 40 23.08 41.16 6.57
N LYS B 41 24.39 41.19 6.86
CA LYS B 41 25.04 42.35 7.46
C LYS B 41 26.02 42.92 6.43
N ASN B 42 25.72 44.15 5.95
CA ASN B 42 26.53 44.88 4.97
C ASN B 42 26.62 44.13 3.63
N GLY B 43 25.50 43.51 3.22
CA GLY B 43 25.40 42.73 1.99
C GLY B 43 25.73 41.28 2.26
N LYS B 44 26.88 41.04 2.95
CA LYS B 44 27.37 39.72 3.36
C LYS B 44 26.33 39.01 4.23
N LYS B 45 26.05 37.73 3.91
CA LYS B 45 25.13 36.84 4.62
C LYS B 45 25.61 36.63 6.05
N ILE B 46 24.71 36.77 7.04
CA ILE B 46 25.04 36.51 8.44
C ILE B 46 25.13 34.97 8.60
N PRO B 47 26.24 34.45 9.18
CA PRO B 47 26.44 32.98 9.24
C PRO B 47 25.46 32.20 10.14
N LYS B 48 25.56 32.40 11.47
CA LYS B 48 24.73 31.69 12.43
C LYS B 48 23.39 32.42 12.54
N VAL B 49 22.38 31.93 11.76
CA VAL B 49 21.01 32.46 11.73
C VAL B 49 20.09 31.35 12.15
N GLU B 50 19.41 31.55 13.27
CA GLU B 50 18.46 30.58 13.78
C GLU B 50 17.09 30.76 13.12
N MET B 51 16.40 29.64 12.91
CA MET B 51 15.10 29.59 12.25
C MET B 51 14.10 28.81 13.07
N SER B 52 12.88 29.33 13.13
CA SER B 52 11.79 28.68 13.83
C SER B 52 11.31 27.54 12.95
N ASP B 53 10.43 26.70 13.51
CA ASP B 53 9.79 25.64 12.75
C ASP B 53 8.67 26.28 11.99
N MET B 54 8.56 25.94 10.70
CA MET B 54 7.52 26.46 9.81
C MET B 54 6.18 26.02 10.35
N SER B 55 5.24 26.93 10.39
CA SER B 55 3.93 26.62 10.90
C SER B 55 2.96 27.36 10.01
N PHE B 56 1.67 27.38 10.34
CA PHE B 56 0.69 28.06 9.52
C PHE B 56 -0.52 28.49 10.37
N SER B 57 -1.00 29.71 10.16
CA SER B 57 -2.12 30.21 10.95
C SER B 57 -3.44 29.51 10.56
N LYS B 58 -4.53 29.88 11.28
CA LYS B 58 -5.89 29.37 11.07
C LYS B 58 -6.33 29.61 9.62
N ASP B 59 -5.85 30.73 9.00
CA ASP B 59 -6.23 31.01 7.62
C ASP B 59 -5.43 30.14 6.61
N TRP B 60 -4.74 29.08 7.12
CA TRP B 60 -3.94 28.08 6.38
C TRP B 60 -2.63 28.65 5.85
N SER B 61 -2.37 29.95 6.01
CA SER B 61 -1.19 30.59 5.45
C SER B 61 0.00 30.32 6.29
N PHE B 62 1.15 30.07 5.65
CA PHE B 62 2.40 29.80 6.37
C PHE B 62 2.99 31.06 7.03
N TYR B 63 3.95 30.82 7.97
CA TYR B 63 4.75 31.80 8.72
C TYR B 63 6.01 31.11 9.25
N ILE B 64 7.14 31.81 9.17
CA ILE B 64 8.42 31.30 9.66
C ILE B 64 9.18 32.50 10.24
N LEU B 65 9.90 32.29 11.35
CA LEU B 65 10.60 33.38 11.99
C LEU B 65 12.09 33.10 12.01
N ALA B 66 12.84 34.00 11.39
CA ALA B 66 14.29 33.97 11.37
C ALA B 66 14.71 35.00 12.35
N HIS B 67 15.79 34.72 13.09
CA HIS B 67 16.31 35.65 14.09
C HIS B 67 17.80 35.40 14.29
N THR B 68 18.54 36.45 14.65
CA THR B 68 19.97 36.38 14.77
C THR B 68 20.44 37.35 15.83
N GLU B 69 21.57 37.02 16.44
CA GLU B 69 22.24 37.87 17.40
C GLU B 69 22.98 38.93 16.59
N PHE B 70 22.78 40.23 16.92
CA PHE B 70 23.45 41.33 16.22
C PHE B 70 23.70 42.54 17.13
N THR B 71 24.62 43.41 16.72
CA THR B 71 24.96 44.65 17.39
C THR B 71 24.66 45.79 16.40
N PRO B 72 23.58 46.54 16.67
CA PRO B 72 23.27 47.72 15.82
C PRO B 72 24.30 48.88 16.04
N THR B 73 24.55 49.65 14.96
CA THR B 73 25.49 50.80 14.91
C THR B 73 24.96 51.77 13.89
N GLU B 74 25.59 52.95 13.75
CA GLU B 74 25.17 53.99 12.80
C GLU B 74 25.47 53.62 11.34
N THR B 75 26.63 53.03 11.07
CA THR B 75 27.06 52.73 9.71
C THR B 75 26.55 51.39 9.20
N ASP B 76 26.57 50.32 10.05
CA ASP B 76 26.19 48.96 9.65
C ASP B 76 24.75 48.82 9.19
N THR B 77 24.57 48.05 8.09
CA THR B 77 23.28 47.75 7.45
C THR B 77 22.87 46.28 7.69
N TYR B 78 21.56 46.10 8.00
CA TYR B 78 20.97 44.81 8.23
C TYR B 78 19.73 44.68 7.37
N ALA B 79 19.60 43.50 6.75
CA ALA B 79 18.52 43.16 5.84
C ALA B 79 18.12 41.68 5.92
N CYS B 80 16.93 41.37 5.38
CA CYS B 80 16.37 40.05 5.27
C CYS B 80 15.97 39.84 3.81
N ARG B 81 16.65 38.87 3.12
CA ARG B 81 16.47 38.49 1.71
C ARG B 81 15.69 37.16 1.58
N VAL B 82 14.60 37.19 0.83
CA VAL B 82 13.72 36.02 0.69
C VAL B 82 13.58 35.56 -0.77
N LYS B 83 13.80 34.26 -0.99
CA LYS B 83 13.62 33.63 -2.30
C LYS B 83 12.38 32.76 -2.20
N HIS B 84 11.39 33.00 -3.06
CA HIS B 84 10.11 32.25 -3.10
C HIS B 84 9.61 32.21 -4.54
N ALA B 85 9.11 31.03 -4.98
CA ALA B 85 8.63 30.76 -6.35
C ALA B 85 7.70 31.85 -6.91
N SER B 86 6.84 32.43 -6.04
CA SER B 86 5.90 33.47 -6.42
C SER B 86 6.58 34.71 -6.97
N MET B 87 7.87 34.96 -6.59
CA MET B 87 8.64 36.15 -7.01
C MET B 87 9.71 35.87 -8.04
N ALA B 88 9.75 36.75 -9.05
CA ALA B 88 10.71 36.71 -10.13
C ALA B 88 12.12 36.76 -9.59
N GLU B 89 12.42 37.85 -8.84
CA GLU B 89 13.73 38.09 -8.24
C GLU B 89 13.60 38.15 -6.71
N PRO B 90 14.62 37.70 -5.91
CA PRO B 90 14.51 37.74 -4.43
C PRO B 90 14.14 39.11 -3.85
N LYS B 91 13.42 39.11 -2.71
CA LYS B 91 13.00 40.35 -2.04
C LYS B 91 13.95 40.65 -0.90
N THR B 92 14.60 41.81 -0.93
CA THR B 92 15.50 42.21 0.16
C THR B 92 14.78 43.31 0.93
N VAL B 93 14.65 43.14 2.25
CA VAL B 93 13.96 44.10 3.12
C VAL B 93 14.96 44.56 4.17
N TYR B 94 15.19 45.87 4.26
CA TYR B 94 16.15 46.44 5.20
C TYR B 94 15.55 46.77 6.53
N TRP B 95 16.32 46.51 7.60
CA TRP B 95 15.89 46.90 8.94
C TRP B 95 15.93 48.43 9.04
N ASP B 96 14.76 49.04 9.28
CA ASP B 96 14.65 50.48 9.52
C ASP B 96 14.23 50.58 10.96
N ARG B 97 15.13 51.10 11.83
CA ARG B 97 14.86 51.12 13.26
C ARG B 97 13.79 52.11 13.68
N ASP B 98 13.50 53.13 12.83
CA ASP B 98 12.51 54.14 13.16
C ASP B 98 11.04 53.74 12.80
N MET B 99 10.79 52.52 12.26
CA MET B 99 9.43 52.08 11.90
C MET B 99 9.31 50.57 11.95
N THR C 1 11.33 -12.09 2.15
CA THR C 1 9.87 -12.17 1.99
C THR C 1 9.15 -11.85 3.31
N GLN C 2 8.10 -11.00 3.21
CA GLN C 2 7.31 -10.50 4.33
C GLN C 2 6.22 -11.48 4.85
N VAL C 3 5.68 -12.34 3.98
CA VAL C 3 4.66 -13.35 4.34
C VAL C 3 5.29 -14.73 4.16
N GLU C 4 5.30 -15.56 5.24
CA GLU C 4 5.89 -16.90 5.15
C GLU C 4 4.93 -17.98 5.59
N GLN C 5 4.71 -18.95 4.69
CA GLN C 5 3.79 -20.05 4.97
C GLN C 5 4.54 -21.31 5.41
N SER C 6 3.92 -22.11 6.31
CA SER C 6 4.53 -23.29 6.88
C SER C 6 3.55 -24.49 7.05
N PRO C 7 3.99 -25.75 6.73
CA PRO C 7 5.26 -26.14 6.08
C PRO C 7 5.18 -25.97 4.55
N GLN C 8 6.32 -26.11 3.80
CA GLN C 8 6.33 -25.95 2.33
C GLN C 8 5.40 -26.96 1.65
N SER C 9 5.37 -28.19 2.19
CA SER C 9 4.54 -29.31 1.79
C SER C 9 4.00 -30.02 3.03
N LEU C 10 2.76 -30.55 2.97
CA LEU C 10 2.07 -31.22 4.07
C LEU C 10 1.31 -32.45 3.57
N VAL C 11 1.52 -33.62 4.25
CA VAL C 11 0.86 -34.89 3.88
C VAL C 11 -0.16 -35.27 4.96
N VAL C 12 -1.41 -35.54 4.56
CA VAL C 12 -2.46 -35.84 5.53
C VAL C 12 -3.27 -37.04 5.08
N ARG C 13 -3.66 -37.92 6.05
CA ARG C 13 -4.48 -39.08 5.74
C ARG C 13 -5.90 -38.59 5.50
N GLN C 14 -6.52 -39.08 4.43
CA GLN C 14 -7.88 -38.72 4.04
C GLN C 14 -8.86 -39.00 5.20
N GLY C 15 -9.73 -38.02 5.47
CA GLY C 15 -10.70 -38.09 6.56
C GLY C 15 -10.16 -37.46 7.83
N GLU C 16 -8.86 -37.08 7.83
CA GLU C 16 -8.22 -36.44 8.98
C GLU C 16 -8.31 -34.93 8.89
N ASN C 17 -7.60 -34.25 9.79
CA ASN C 17 -7.56 -32.80 9.87
C ASN C 17 -6.23 -32.28 9.34
N SER C 18 -6.24 -31.06 8.80
CA SER C 18 -5.06 -30.41 8.20
C SER C 18 -4.84 -29.08 8.84
N VAL C 19 -3.61 -28.80 9.26
CA VAL C 19 -3.33 -27.51 9.91
C VAL C 19 -2.12 -26.83 9.25
N LEU C 20 -2.40 -25.85 8.38
CA LEU C 20 -1.35 -25.10 7.69
C LEU C 20 -1.35 -23.69 8.27
N GLN C 21 -0.17 -23.08 8.40
CA GLN C 21 -0.12 -21.76 9.01
C GLN C 21 0.77 -20.79 8.31
N CYS C 22 0.56 -19.53 8.65
CA CYS C 22 1.28 -18.44 8.08
C CYS C 22 1.51 -17.34 9.13
N ASN C 23 2.75 -16.87 9.16
CA ASN C 23 3.30 -15.79 9.98
C ASN C 23 3.67 -14.68 9.01
N TYR C 24 3.57 -13.41 9.44
CA TYR C 24 3.85 -12.32 8.53
C TYR C 24 4.54 -11.13 9.25
N SER C 25 5.12 -10.21 8.46
CA SER C 25 5.83 -9.02 8.96
C SER C 25 5.27 -7.72 8.32
N VAL C 26 4.28 -7.85 7.40
CA VAL C 26 3.59 -6.80 6.65
C VAL C 26 2.98 -5.80 7.61
N THR C 27 3.16 -4.48 7.32
CA THR C 27 2.64 -3.43 8.20
C THR C 27 2.19 -2.18 7.40
N PRO C 28 0.91 -1.72 7.57
CA PRO C 28 -0.18 -2.26 8.40
C PRO C 28 -0.66 -3.65 7.94
N ASP C 29 -1.43 -4.31 8.79
CA ASP C 29 -1.95 -5.66 8.57
C ASP C 29 -3.49 -5.59 8.50
N ASN C 30 -4.08 -4.80 7.58
CA ASN C 30 -5.53 -4.61 7.53
C ASN C 30 -6.35 -5.94 7.62
N HIS C 31 -6.04 -6.88 6.71
CA HIS C 31 -6.73 -8.15 6.62
C HIS C 31 -5.81 -9.24 6.10
N LEU C 32 -6.14 -10.48 6.46
CA LEU C 32 -5.43 -11.65 6.00
C LEU C 32 -6.44 -12.50 5.31
N ARG C 33 -6.04 -13.17 4.21
CA ARG C 33 -6.97 -14.07 3.56
C ARG C 33 -6.26 -15.26 2.94
N TRP C 34 -7.01 -16.35 2.84
CA TRP C 34 -6.52 -17.60 2.30
C TRP C 34 -7.18 -17.91 0.99
N PHE C 35 -6.39 -18.47 0.08
CA PHE C 35 -6.83 -18.93 -1.24
C PHE C 35 -6.43 -20.33 -1.43
N LYS C 36 -7.16 -21.05 -2.26
CA LYS C 36 -6.83 -22.40 -2.67
C LYS C 36 -6.62 -22.33 -4.13
N GLN C 37 -5.46 -22.77 -4.58
CA GLN C 37 -5.14 -22.79 -5.99
C GLN C 37 -5.04 -24.24 -6.49
N ASP C 38 -6.05 -24.66 -7.26
CA ASP C 38 -6.10 -26.00 -7.84
C ASP C 38 -5.05 -26.17 -8.93
N THR C 39 -4.31 -27.29 -8.87
CA THR C 39 -3.23 -27.69 -9.79
C THR C 39 -3.53 -27.24 -11.24
N GLY C 40 -2.84 -26.19 -11.67
CA GLY C 40 -2.97 -25.64 -13.02
C GLY C 40 -4.13 -24.71 -13.27
N LYS C 41 -4.77 -24.21 -12.20
CA LYS C 41 -5.88 -23.28 -12.31
C LYS C 41 -5.53 -21.96 -11.57
N GLY C 42 -6.54 -21.13 -11.34
CA GLY C 42 -6.40 -19.86 -10.68
C GLY C 42 -6.61 -19.96 -9.20
N LEU C 43 -6.63 -18.80 -8.51
CA LEU C 43 -6.82 -18.67 -7.06
C LEU C 43 -8.30 -18.53 -6.68
N VAL C 44 -8.75 -19.32 -5.67
CA VAL C 44 -10.12 -19.29 -5.10
C VAL C 44 -10.13 -18.89 -3.63
N SER C 45 -10.89 -17.84 -3.23
CA SER C 45 -10.95 -17.39 -1.81
C SER C 45 -11.65 -18.41 -0.92
N LEU C 46 -11.12 -18.62 0.28
CA LEU C 46 -11.66 -19.56 1.26
C LEU C 46 -12.24 -18.77 2.44
N THR C 47 -11.48 -17.75 2.89
CA THR C 47 -11.85 -16.96 4.06
C THR C 47 -11.07 -15.63 4.13
N VAL C 48 -11.70 -14.60 4.70
CA VAL C 48 -11.07 -13.29 4.95
C VAL C 48 -11.14 -12.97 6.48
N LEU C 49 -10.00 -12.62 7.07
CA LEU C 49 -9.95 -12.30 8.49
C LEU C 49 -9.62 -10.82 8.63
N VAL C 50 -10.35 -10.09 9.49
CA VAL C 50 -10.24 -8.64 9.56
C VAL C 50 -9.93 -8.10 10.98
N ASP C 51 -10.51 -8.71 12.04
CA ASP C 51 -10.34 -8.26 13.44
C ASP C 51 -8.95 -8.60 14.03
N GLN C 52 -8.54 -7.87 15.12
CA GLN C 52 -7.27 -8.07 15.83
C GLN C 52 -7.17 -9.56 16.27
N LYS C 53 -8.29 -10.12 16.81
CA LYS C 53 -8.40 -11.53 17.16
C LYS C 53 -9.65 -12.06 16.45
N ASP C 54 -9.50 -12.50 15.19
CA ASP C 54 -10.63 -12.99 14.37
C ASP C 54 -10.57 -14.52 14.17
N LYS C 55 -11.76 -15.13 13.93
CA LYS C 55 -12.05 -16.53 13.62
C LYS C 55 -13.24 -16.50 12.69
N THR C 56 -13.09 -17.14 11.51
CA THR C 56 -14.10 -17.21 10.44
C THR C 56 -14.10 -18.60 9.87
N SER C 57 -15.23 -19.09 9.39
CA SER C 57 -15.24 -20.45 8.85
C SER C 57 -16.25 -20.62 7.72
N ASN C 58 -15.71 -20.98 6.56
CA ASN C 58 -16.48 -21.22 5.35
C ASN C 58 -16.45 -22.72 5.06
N GLY C 59 -17.62 -23.34 5.19
CA GLY C 59 -17.78 -24.77 4.99
C GLY C 59 -16.85 -25.54 5.90
N ARG C 60 -16.02 -26.41 5.27
CA ARG C 60 -15.02 -27.24 5.94
C ARG C 60 -13.73 -26.51 6.29
N TYR C 61 -13.52 -25.33 5.69
CA TYR C 61 -12.36 -24.49 6.00
C TYR C 61 -12.72 -23.57 7.16
N SER C 62 -11.79 -23.42 8.07
CA SER C 62 -11.88 -22.56 9.25
C SER C 62 -10.54 -21.85 9.34
N ALA C 63 -10.48 -20.67 9.96
CA ALA C 63 -9.24 -19.90 10.08
C ALA C 63 -9.28 -19.00 11.26
N THR C 64 -8.09 -18.64 11.79
CA THR C 64 -7.90 -17.73 12.93
C THR C 64 -6.84 -16.69 12.60
N LEU C 65 -6.76 -15.62 13.41
CA LEU C 65 -5.79 -14.56 13.18
C LEU C 65 -5.49 -13.83 14.50
N ASP C 66 -4.20 -13.79 14.88
CA ASP C 66 -3.71 -13.04 16.04
C ASP C 66 -2.81 -11.99 15.45
N LYS C 67 -3.41 -10.83 15.11
CA LYS C 67 -2.75 -9.67 14.51
C LYS C 67 -1.58 -9.15 15.38
N ASP C 68 -1.56 -9.51 16.68
CA ASP C 68 -0.50 -9.14 17.63
C ASP C 68 0.70 -10.08 17.45
N ALA C 69 0.42 -11.39 17.35
CA ALA C 69 1.39 -12.45 17.09
C ALA C 69 1.73 -12.50 15.60
N LYS C 70 1.00 -11.72 14.77
CA LYS C 70 1.12 -11.64 13.30
C LYS C 70 1.24 -13.07 12.76
N HIS C 71 0.19 -13.87 13.07
CA HIS C 71 0.05 -15.30 12.79
C HIS C 71 -1.40 -15.63 12.46
N SER C 72 -1.56 -16.55 11.50
CA SER C 72 -2.87 -17.04 11.09
C SER C 72 -2.80 -18.50 10.73
N THR C 73 -3.77 -19.30 11.22
CA THR C 73 -3.82 -20.73 10.91
C THR C 73 -5.04 -21.07 10.06
N LEU C 74 -4.86 -21.98 9.09
CA LEU C 74 -5.92 -22.54 8.26
C LEU C 74 -6.20 -23.96 8.73
N HIS C 75 -7.50 -24.28 8.91
CA HIS C 75 -7.99 -25.56 9.39
C HIS C 75 -8.90 -26.24 8.38
N ILE C 76 -8.43 -27.35 7.80
CA ILE C 76 -9.27 -28.14 6.91
C ILE C 76 -9.77 -29.36 7.71
N THR C 77 -11.06 -29.41 7.96
CA THR C 77 -11.72 -30.48 8.74
C THR C 77 -12.15 -31.56 7.77
N ALA C 78 -11.96 -32.84 8.12
CA ALA C 78 -12.40 -34.00 7.34
C ALA C 78 -11.81 -34.07 5.95
N THR C 79 -10.50 -33.78 5.80
CA THR C 79 -9.72 -33.75 4.55
C THR C 79 -10.18 -34.80 3.50
N LEU C 80 -10.79 -34.28 2.43
CA LEU C 80 -11.21 -34.99 1.22
C LEU C 80 -10.03 -35.05 0.26
N LEU C 81 -10.10 -35.91 -0.77
CA LEU C 81 -9.01 -36.01 -1.75
C LEU C 81 -8.95 -34.79 -2.67
N ASP C 82 -10.09 -34.08 -2.79
CA ASP C 82 -10.31 -32.89 -3.59
C ASP C 82 -9.64 -31.67 -2.96
N ASP C 83 -9.12 -31.82 -1.74
CA ASP C 83 -8.39 -30.78 -1.01
C ASP C 83 -6.94 -30.73 -1.42
N THR C 84 -6.46 -31.71 -2.26
CA THR C 84 -5.09 -31.72 -2.78
C THR C 84 -4.91 -30.47 -3.67
N ALA C 85 -4.13 -29.49 -3.15
CA ALA C 85 -3.89 -28.20 -3.79
C ALA C 85 -2.89 -27.37 -3.00
N THR C 86 -2.52 -26.19 -3.55
CA THR C 86 -1.63 -25.23 -2.93
C THR C 86 -2.51 -24.23 -2.22
N TYR C 87 -2.14 -23.89 -0.99
CA TYR C 87 -2.92 -22.97 -0.18
C TYR C 87 -2.09 -21.72 -0.02
N ILE C 88 -2.65 -20.57 -0.46
CA ILE C 88 -1.94 -19.30 -0.47
C ILE C 88 -2.58 -18.34 0.48
N CYS C 89 -1.71 -17.76 1.31
CA CYS C 89 -1.99 -16.79 2.35
C CYS C 89 -1.55 -15.41 1.88
N VAL C 90 -2.47 -14.46 1.97
CA VAL C 90 -2.28 -13.08 1.49
C VAL C 90 -2.66 -12.07 2.60
N VAL C 91 -1.88 -10.99 2.74
CA VAL C 91 -2.10 -9.88 3.68
C VAL C 91 -2.32 -8.60 2.88
N GLY C 92 -3.36 -7.83 3.22
CA GLY C 92 -3.67 -6.55 2.60
C GLY C 92 -3.21 -5.43 3.51
N ASP C 93 -2.32 -4.53 3.03
CA ASP C 93 -1.79 -3.55 3.95
C ASP C 93 -2.68 -2.30 4.17
N ARG C 94 -3.89 -2.21 3.58
CA ARG C 94 -4.80 -1.07 3.84
C ARG C 94 -6.26 -1.51 3.75
N GLY C 95 -7.16 -0.67 4.25
CA GLY C 95 -8.62 -0.88 4.25
C GLY C 95 -9.34 -0.38 3.03
N SER C 96 -8.78 0.69 2.41
CA SER C 96 -9.24 1.29 1.16
C SER C 96 -8.60 0.51 0.00
N ALA C 97 -8.98 0.81 -1.25
CA ALA C 97 -8.37 0.15 -2.41
C ALA C 97 -6.95 0.73 -2.76
N LEU C 98 -6.40 1.58 -1.87
CA LEU C 98 -5.07 2.20 -1.98
C LEU C 98 -4.00 1.22 -1.48
N GLY C 99 -4.46 0.14 -0.84
CA GLY C 99 -3.61 -0.91 -0.32
C GLY C 99 -3.03 -1.83 -1.37
N ARG C 100 -2.15 -2.76 -0.93
CA ARG C 100 -1.46 -3.73 -1.76
C ARG C 100 -1.44 -5.06 -1.06
N LEU C 101 -1.59 -6.15 -1.84
CA LEU C 101 -1.59 -7.47 -1.27
C LEU C 101 -0.20 -8.02 -1.32
N HIS C 102 0.15 -8.78 -0.26
CA HIS C 102 1.43 -9.45 -0.04
C HIS C 102 1.12 -10.95 -0.03
N PHE C 103 1.75 -11.71 -0.94
CA PHE C 103 1.43 -13.13 -1.12
C PHE C 103 2.51 -14.10 -0.60
N GLY C 104 2.07 -15.11 0.15
CA GLY C 104 2.96 -16.17 0.62
C GLY C 104 3.26 -17.13 -0.52
N ALA C 105 4.30 -17.96 -0.39
CA ALA C 105 4.75 -18.90 -1.43
C ALA C 105 3.76 -20.05 -1.63
N GLY C 106 2.96 -20.31 -0.61
CA GLY C 106 1.97 -21.39 -0.60
C GLY C 106 2.47 -22.62 0.12
N THR C 107 1.51 -23.45 0.54
CA THR C 107 1.72 -24.74 1.19
C THR C 107 1.06 -25.75 0.29
N GLN C 108 1.84 -26.64 -0.31
CA GLN C 108 1.30 -27.72 -1.15
C GLN C 108 0.75 -28.80 -0.21
N LEU C 109 -0.55 -29.13 -0.33
CA LEU C 109 -1.20 -30.14 0.50
C LEU C 109 -1.43 -31.43 -0.32
N ILE C 110 -1.03 -32.58 0.26
CA ILE C 110 -1.24 -33.89 -0.37
C ILE C 110 -2.00 -34.77 0.60
N VAL C 111 -3.13 -35.30 0.12
CA VAL C 111 -4.04 -36.14 0.89
C VAL C 111 -3.99 -37.58 0.35
N ILE C 112 -3.27 -38.44 1.10
CA ILE C 112 -3.12 -39.89 0.95
C ILE C 112 -4.50 -40.54 1.17
N PRO C 113 -5.00 -41.39 0.24
CA PRO C 113 -6.30 -42.05 0.47
C PRO C 113 -6.28 -43.10 1.58
N ASP C 114 -7.46 -43.47 2.11
CA ASP C 114 -7.52 -44.51 3.13
C ASP C 114 -7.89 -45.86 2.47
N ILE C 115 -6.86 -46.60 2.00
CA ILE C 115 -7.05 -47.89 1.32
C ILE C 115 -7.45 -48.94 2.37
N GLN C 116 -8.76 -49.16 2.51
CA GLN C 116 -9.34 -50.05 3.53
C GLN C 116 -9.15 -51.56 3.25
N ASN C 117 -9.20 -51.99 1.97
CA ASN C 117 -9.08 -53.41 1.58
C ASN C 117 -8.07 -53.59 0.41
N PRO C 118 -6.74 -53.62 0.70
CA PRO C 118 -5.76 -53.76 -0.40
C PRO C 118 -5.84 -55.10 -1.09
N ASP C 119 -5.35 -55.14 -2.35
CA ASP C 119 -5.28 -56.34 -3.20
C ASP C 119 -4.19 -56.10 -4.29
N PRO C 120 -2.91 -55.82 -3.91
CA PRO C 120 -1.87 -55.52 -4.92
C PRO C 120 -1.76 -56.55 -6.04
N ALA C 121 -1.80 -56.04 -7.30
CA ALA C 121 -1.73 -56.82 -8.54
C ALA C 121 -1.31 -55.96 -9.73
N VAL C 122 -0.53 -56.53 -10.66
CA VAL C 122 -0.10 -55.85 -11.89
C VAL C 122 -0.60 -56.68 -13.08
N TYR C 123 -1.44 -56.08 -13.95
CA TYR C 123 -2.05 -56.76 -15.10
C TYR C 123 -1.55 -56.20 -16.43
N GLN C 124 -1.54 -57.02 -17.52
CA GLN C 124 -1.15 -56.59 -18.87
C GLN C 124 -2.42 -56.13 -19.62
N LEU C 125 -2.34 -54.95 -20.26
CA LEU C 125 -3.48 -54.37 -20.96
C LEU C 125 -3.20 -54.21 -22.45
N ARG C 126 -3.86 -55.02 -23.29
CA ARG C 126 -3.69 -54.95 -24.75
C ARG C 126 -4.32 -53.66 -25.33
N ASP C 127 -3.68 -53.08 -26.35
CA ASP C 127 -4.12 -51.87 -27.07
C ASP C 127 -5.50 -52.10 -27.71
N SER C 128 -6.31 -51.02 -27.85
CA SER C 128 -7.64 -51.09 -28.46
C SER C 128 -7.59 -51.37 -29.98
N LYS C 129 -6.75 -50.60 -30.74
CA LYS C 129 -6.60 -50.69 -32.21
C LYS C 129 -6.03 -52.04 -32.68
N SER C 130 -4.94 -52.55 -32.05
CA SER C 130 -4.34 -53.83 -32.45
C SER C 130 -3.70 -54.60 -31.28
N SER C 131 -2.85 -55.63 -31.60
CA SER C 131 -2.09 -56.48 -30.68
C SER C 131 -1.08 -55.63 -29.89
N ASP C 132 -0.24 -54.89 -30.63
CA ASP C 132 0.75 -53.95 -30.10
C ASP C 132 0.15 -52.51 -30.07
N LYS C 133 0.48 -51.66 -29.07
CA LYS C 133 1.43 -51.89 -27.98
C LYS C 133 0.76 -52.53 -26.74
N SER C 134 1.57 -52.80 -25.72
CA SER C 134 1.14 -53.36 -24.43
C SER C 134 1.59 -52.45 -23.30
N VAL C 135 0.84 -52.47 -22.18
CA VAL C 135 1.11 -51.67 -20.98
C VAL C 135 0.77 -52.52 -19.72
N CYS C 136 1.39 -52.22 -18.56
CA CYS C 136 1.18 -52.95 -17.32
C CYS C 136 0.79 -51.98 -16.17
N LEU C 137 -0.39 -52.23 -15.53
CA LEU C 137 -0.94 -51.40 -14.45
C LEU C 137 -0.88 -52.10 -13.09
N PHE C 138 0.03 -51.61 -12.24
CA PHE C 138 0.24 -52.03 -10.85
C PHE C 138 -0.80 -51.31 -10.04
N THR C 139 -1.73 -52.05 -9.42
CA THR C 139 -2.84 -51.38 -8.76
C THR C 139 -3.18 -51.97 -7.38
N ASP C 140 -4.27 -51.41 -6.78
CA ASP C 140 -4.90 -51.74 -5.49
C ASP C 140 -3.90 -51.83 -4.33
N PHE C 141 -2.69 -51.26 -4.51
CA PHE C 141 -1.64 -51.28 -3.51
C PHE C 141 -1.92 -50.29 -2.38
N ASP C 142 -1.49 -50.67 -1.16
CA ASP C 142 -1.59 -49.93 0.10
C ASP C 142 -1.02 -48.53 -0.03
N SER C 143 -1.48 -47.63 0.86
CA SER C 143 -1.05 -46.24 0.96
C SER C 143 0.48 -46.15 1.21
N GLN C 144 1.00 -47.14 1.99
CA GLN C 144 2.40 -47.32 2.41
C GLN C 144 3.40 -47.44 1.23
N THR C 145 3.11 -48.31 0.22
CA THR C 145 4.00 -48.58 -0.93
C THR C 145 4.20 -47.35 -1.85
N ASN C 146 5.43 -47.18 -2.36
CA ASN C 146 5.84 -46.07 -3.22
C ASN C 146 6.46 -46.57 -4.53
N VAL C 147 6.12 -45.91 -5.67
CA VAL C 147 6.57 -46.25 -7.03
C VAL C 147 7.89 -45.49 -7.38
N SER C 148 8.87 -46.23 -7.98
CA SER C 148 10.18 -45.71 -8.37
C SER C 148 10.35 -45.62 -9.89
N GLN C 149 10.77 -44.44 -10.41
CA GLN C 149 11.01 -44.23 -11.84
C GLN C 149 12.39 -44.78 -12.18
N SER C 150 12.45 -45.98 -12.81
CA SER C 150 13.70 -46.68 -13.16
C SER C 150 14.63 -45.84 -14.06
N LYS C 151 15.95 -46.10 -13.93
CA LYS C 151 17.05 -45.43 -14.63
C LYS C 151 16.98 -45.59 -16.16
N ASP C 152 16.65 -46.82 -16.61
CA ASP C 152 16.56 -47.29 -18.00
C ASP C 152 15.72 -46.33 -18.92
N SER C 153 16.20 -46.16 -20.18
CA SER C 153 15.59 -45.33 -21.21
C SER C 153 14.37 -46.02 -21.84
N ASP C 154 14.47 -47.35 -22.05
CA ASP C 154 13.50 -48.27 -22.66
C ASP C 154 12.13 -48.31 -21.95
N VAL C 155 12.12 -48.34 -20.61
CA VAL C 155 10.88 -48.44 -19.84
C VAL C 155 10.63 -47.12 -19.08
N TYR C 156 9.44 -46.53 -19.30
CA TYR C 156 8.99 -45.29 -18.67
C TYR C 156 7.85 -45.64 -17.71
N ILE C 157 7.95 -45.16 -16.44
CA ILE C 157 7.02 -45.49 -15.35
C ILE C 157 6.53 -44.22 -14.63
N THR C 158 5.22 -44.17 -14.32
CA THR C 158 4.55 -43.06 -13.63
C THR C 158 4.44 -43.32 -12.12
N ASP C 159 4.18 -42.24 -11.33
CA ASP C 159 4.02 -42.22 -9.87
C ASP C 159 2.57 -42.59 -9.42
N LYS C 160 2.44 -43.05 -8.14
CA LYS C 160 1.20 -43.45 -7.48
C LYS C 160 0.06 -42.46 -7.82
N CYS C 161 -1.14 -42.99 -8.12
CA CYS C 161 -2.27 -42.18 -8.52
C CYS C 161 -3.61 -42.74 -8.06
N VAL C 162 -4.38 -41.91 -7.33
CA VAL C 162 -5.68 -42.32 -6.77
C VAL C 162 -6.87 -42.07 -7.68
N LEU C 163 -7.74 -43.09 -7.83
CA LEU C 163 -9.04 -42.94 -8.49
C LEU C 163 -10.13 -43.25 -7.43
N ASP C 164 -11.37 -42.79 -7.67
CA ASP C 164 -12.46 -43.00 -6.71
C ASP C 164 -13.80 -43.19 -7.42
N MET C 165 -14.40 -44.38 -7.23
CA MET C 165 -15.73 -44.72 -7.75
C MET C 165 -16.70 -44.25 -6.67
N ARG C 166 -17.33 -43.10 -6.91
CA ARG C 166 -18.18 -42.40 -5.94
C ARG C 166 -19.43 -43.19 -5.49
N SER C 167 -20.10 -43.92 -6.40
CA SER C 167 -21.29 -44.71 -6.00
C SER C 167 -20.87 -46.16 -5.63
N MET C 168 -19.74 -46.26 -4.88
CA MET C 168 -19.09 -47.49 -4.40
C MET C 168 -18.41 -47.28 -3.06
N ASP C 169 -18.03 -46.02 -2.78
CA ASP C 169 -17.22 -45.54 -1.65
C ASP C 169 -15.83 -46.22 -1.72
N PHE C 170 -15.45 -46.63 -2.96
CA PHE C 170 -14.20 -47.32 -3.26
C PHE C 170 -13.11 -46.35 -3.81
N LYS C 171 -11.85 -46.55 -3.34
CA LYS C 171 -10.65 -45.80 -3.74
C LYS C 171 -9.47 -46.76 -3.98
N SER C 172 -8.74 -46.58 -5.11
CA SER C 172 -7.57 -47.41 -5.42
C SER C 172 -6.41 -46.59 -6.00
N ASN C 173 -5.19 -46.93 -5.59
CA ASN C 173 -3.98 -46.33 -6.11
C ASN C 173 -3.57 -47.09 -7.39
N SER C 174 -2.66 -46.51 -8.21
CA SER C 174 -2.22 -47.11 -9.48
C SER C 174 -0.89 -46.53 -9.99
N ALA C 175 -0.24 -47.28 -10.87
CA ALA C 175 1.00 -46.93 -11.55
C ALA C 175 0.98 -47.56 -12.94
N VAL C 176 1.58 -46.90 -13.94
CA VAL C 176 1.58 -47.40 -15.31
C VAL C 176 3.02 -47.43 -15.87
N ALA C 177 3.40 -48.56 -16.50
CA ALA C 177 4.72 -48.79 -17.11
C ALA C 177 4.57 -49.33 -18.55
N TRP C 178 5.30 -48.72 -19.53
CA TRP C 178 5.24 -49.18 -20.93
C TRP C 178 6.64 -49.45 -21.54
N SER C 179 6.68 -50.30 -22.60
CA SER C 179 7.90 -50.67 -23.34
C SER C 179 8.48 -49.46 -24.14
N ALA C 185 9.32 -58.65 -19.76
CA ALA C 185 9.10 -57.22 -19.67
C ALA C 185 7.93 -56.88 -18.72
N CYS C 186 6.87 -57.72 -18.67
CA CYS C 186 5.66 -57.52 -17.84
C CYS C 186 5.96 -57.62 -16.32
N ALA C 187 6.42 -58.79 -15.82
CA ALA C 187 6.73 -59.01 -14.41
C ALA C 187 7.95 -58.19 -13.95
N ASN C 188 8.86 -57.90 -14.88
CA ASN C 188 10.10 -57.13 -14.68
C ASN C 188 9.84 -55.60 -14.62
N ALA C 189 8.71 -55.13 -15.18
CA ALA C 189 8.35 -53.70 -15.23
C ALA C 189 8.56 -52.99 -13.88
N PHE C 190 8.09 -53.62 -12.80
CA PHE C 190 8.23 -53.08 -11.46
C PHE C 190 9.17 -53.98 -10.65
N ASN C 191 10.46 -53.63 -10.67
CA ASN C 191 11.54 -54.35 -9.96
C ASN C 191 12.35 -53.37 -9.13
N ASN C 192 12.44 -52.10 -9.61
CA ASN C 192 13.15 -50.98 -8.99
C ASN C 192 12.33 -50.38 -7.85
N SER C 193 11.00 -50.64 -7.85
CA SER C 193 10.08 -50.20 -6.80
C SER C 193 9.89 -51.35 -5.82
N ILE C 194 10.03 -51.07 -4.50
CA ILE C 194 9.94 -52.05 -3.41
C ILE C 194 8.47 -52.50 -3.23
N ILE C 195 8.04 -53.40 -4.12
CA ILE C 195 6.70 -53.96 -4.26
C ILE C 195 6.36 -54.89 -3.07
N PRO C 196 5.06 -55.00 -2.66
CA PRO C 196 4.71 -55.92 -1.56
C PRO C 196 4.83 -57.40 -1.99
N GLU C 197 5.10 -58.30 -1.03
CA GLU C 197 5.31 -59.73 -1.29
C GLU C 197 4.05 -60.51 -1.75
N ASP C 198 2.83 -60.05 -1.38
CA ASP C 198 1.58 -60.74 -1.75
C ASP C 198 0.95 -60.20 -3.08
N THR C 199 1.80 -59.58 -3.96
CA THR C 199 1.40 -59.05 -5.27
C THR C 199 1.02 -60.18 -6.25
N PHE C 200 -0.26 -60.19 -6.67
CA PHE C 200 -0.83 -61.14 -7.62
C PHE C 200 -0.25 -60.90 -9.03
N PHE C 201 -0.15 -61.95 -9.88
CA PHE C 201 0.38 -61.86 -11.25
C PHE C 201 -0.40 -62.79 -12.19
N GLY D 1 -21.46 -12.46 -9.36
CA GLY D 1 -21.74 -11.37 -10.31
C GLY D 1 -21.40 -11.75 -11.80
N GLY D 2 -20.29 -12.47 -12.02
CA GLY D 2 -19.85 -12.88 -13.33
C GLY D 2 -18.53 -13.62 -13.32
N ILE D 3 -17.60 -13.21 -14.22
CA ILE D 3 -16.33 -13.89 -14.42
C ILE D 3 -15.21 -13.01 -14.93
N ILE D 4 -13.99 -13.33 -14.46
CA ILE D 4 -12.75 -12.74 -14.92
C ILE D 4 -12.08 -13.84 -15.72
N THR D 5 -11.98 -13.62 -17.02
CA THR D 5 -11.46 -14.60 -17.99
C THR D 5 -10.14 -14.13 -18.65
N GLN D 6 -9.10 -14.98 -18.66
CA GLN D 6 -7.82 -14.73 -19.36
C GLN D 6 -7.80 -15.47 -20.71
N THR D 7 -6.95 -15.00 -21.63
CA THR D 7 -6.84 -15.54 -23.00
C THR D 7 -5.41 -15.23 -23.52
N PRO D 8 -4.67 -16.25 -24.00
CA PRO D 8 -5.07 -17.66 -24.17
C PRO D 8 -4.92 -18.43 -22.88
N LYS D 9 -5.40 -19.70 -22.82
CA LYS D 9 -5.20 -20.58 -21.66
C LYS D 9 -3.72 -20.93 -21.60
N PHE D 10 -3.17 -21.35 -22.76
CA PHE D 10 -1.78 -21.74 -23.00
C PHE D 10 -1.19 -20.86 -24.05
N LEU D 11 0.14 -20.64 -24.00
CA LEU D 11 0.84 -19.78 -24.96
C LEU D 11 2.21 -20.33 -25.35
N ILE D 12 2.48 -20.36 -26.69
CA ILE D 12 3.76 -20.80 -27.26
C ILE D 12 4.41 -19.56 -27.87
N GLY D 13 5.68 -19.34 -27.55
CA GLY D 13 6.44 -18.20 -28.03
C GLY D 13 7.88 -18.54 -28.28
N GLN D 14 8.54 -17.86 -29.24
CA GLN D 14 9.95 -18.11 -29.55
C GLN D 14 10.85 -17.06 -28.87
N GLU D 15 12.09 -17.44 -28.56
CA GLU D 15 13.11 -16.58 -27.95
C GLU D 15 13.15 -15.23 -28.66
N GLY D 16 12.74 -14.18 -27.95
CA GLY D 16 12.69 -12.82 -28.47
C GLY D 16 11.34 -12.35 -28.97
N GLN D 17 10.37 -13.28 -29.17
CA GLN D 17 9.01 -12.99 -29.65
C GLN D 17 8.20 -12.14 -28.61
N LYS D 18 7.58 -11.06 -29.07
CA LYS D 18 6.77 -10.20 -28.24
C LYS D 18 5.35 -10.79 -28.13
N LEU D 19 5.03 -11.44 -26.99
CA LEU D 19 3.71 -12.06 -26.72
C LEU D 19 2.81 -11.12 -25.93
N THR D 20 1.49 -11.18 -26.18
CA THR D 20 0.47 -10.39 -25.45
C THR D 20 -0.64 -11.33 -24.93
N LEU D 21 -1.18 -11.03 -23.75
CA LEU D 21 -2.23 -11.82 -23.12
C LEU D 21 -3.30 -10.88 -22.53
N LYS D 22 -4.55 -11.02 -23.03
CA LYS D 22 -5.74 -10.24 -22.69
C LYS D 22 -6.49 -10.83 -21.50
N CYS D 23 -7.18 -9.95 -20.75
CA CYS D 23 -7.99 -10.32 -19.61
C CYS D 23 -9.24 -9.47 -19.55
N GLN D 24 -10.41 -10.11 -19.56
CA GLN D 24 -11.69 -9.42 -19.55
C GLN D 24 -12.49 -9.85 -18.33
N GLN D 25 -13.05 -8.86 -17.62
CA GLN D 25 -13.85 -8.98 -16.38
C GLN D 25 -15.18 -8.29 -16.63
N ASN D 26 -16.30 -8.80 -16.03
CA ASN D 26 -17.64 -8.20 -16.19
C ASN D 26 -18.24 -7.80 -14.84
N PHE D 27 -17.40 -7.90 -13.79
CA PHE D 27 -17.70 -7.56 -12.41
C PHE D 27 -18.01 -6.12 -12.24
N ASN D 28 -17.55 -5.29 -13.16
CA ASN D 28 -17.68 -3.82 -13.17
C ASN D 28 -16.67 -3.24 -12.13
N HIS D 29 -15.46 -3.84 -12.06
CA HIS D 29 -14.32 -3.45 -11.26
C HIS D 29 -13.45 -2.45 -11.99
N ASP D 30 -13.09 -1.40 -11.26
CA ASP D 30 -12.25 -0.34 -11.79
C ASP D 30 -10.78 -0.76 -11.78
N THR D 31 -10.33 -1.48 -10.72
CA THR D 31 -8.95 -1.93 -10.55
C THR D 31 -8.71 -3.25 -11.19
N MET D 32 -7.60 -3.37 -11.97
CA MET D 32 -7.19 -4.62 -12.61
C MET D 32 -5.69 -4.85 -12.48
N TYR D 33 -5.30 -6.12 -12.30
CA TYR D 33 -3.93 -6.52 -12.00
C TYR D 33 -3.42 -7.64 -12.87
N TRP D 34 -2.11 -7.60 -13.17
CA TRP D 34 -1.39 -8.65 -13.87
C TRP D 34 -0.26 -9.06 -12.94
N TYR D 35 -0.31 -10.35 -12.49
CA TYR D 35 0.67 -10.98 -11.60
C TYR D 35 1.44 -12.10 -12.30
N ARG D 36 2.61 -12.48 -11.73
CA ARG D 36 3.43 -13.58 -12.25
C ARG D 36 3.82 -14.53 -11.11
N GLN D 37 3.36 -15.76 -11.27
CA GLN D 37 3.62 -16.84 -10.37
C GLN D 37 4.80 -17.65 -10.87
N ASP D 38 5.79 -17.81 -9.99
CA ASP D 38 7.01 -18.60 -10.18
C ASP D 38 7.06 -19.67 -9.07
N SER D 39 7.46 -20.92 -9.42
CA SER D 39 7.49 -22.02 -8.43
C SER D 39 8.49 -21.71 -7.29
N GLY D 40 7.95 -21.76 -6.07
CA GLY D 40 8.68 -21.48 -4.84
C GLY D 40 8.70 -20.00 -4.51
N LYS D 41 7.84 -19.25 -5.21
CA LYS D 41 7.70 -17.80 -5.02
C LYS D 41 6.21 -17.41 -4.98
N GLY D 42 5.94 -16.32 -4.28
CA GLY D 42 4.61 -15.73 -4.20
C GLY D 42 4.30 -14.92 -5.46
N LEU D 43 3.02 -14.59 -5.64
CA LEU D 43 2.57 -13.80 -6.77
C LEU D 43 3.24 -12.42 -6.70
N ARG D 44 3.80 -11.97 -7.82
CA ARG D 44 4.49 -10.68 -7.87
C ARG D 44 3.74 -9.79 -8.86
N LEU D 45 3.42 -8.54 -8.45
CA LEU D 45 2.66 -7.65 -9.33
C LEU D 45 3.52 -7.06 -10.43
N ILE D 46 3.05 -7.16 -11.70
CA ILE D 46 3.77 -6.60 -12.86
C ILE D 46 3.21 -5.19 -13.15
N TYR D 47 1.90 -5.11 -13.33
CA TYR D 47 1.15 -3.91 -13.66
C TYR D 47 -0.24 -3.95 -13.09
N TYR D 48 -0.81 -2.77 -12.82
CA TYR D 48 -2.17 -2.59 -12.30
C TYR D 48 -2.82 -1.33 -12.94
N SER D 49 -4.15 -1.24 -12.85
CA SER D 49 -4.88 -0.18 -13.52
C SER D 49 -6.16 0.20 -12.79
N TYR D 50 -6.45 1.52 -12.78
CA TYR D 50 -7.64 2.08 -12.14
C TYR D 50 -8.77 2.35 -13.15
N GLY D 51 -8.60 1.89 -14.37
CA GLY D 51 -9.52 2.14 -15.47
C GLY D 51 -8.81 2.60 -16.73
N ALA D 52 -9.56 2.72 -17.83
CA ALA D 52 -9.07 3.06 -19.16
C ALA D 52 -7.92 4.12 -19.20
N GLY D 53 -6.79 3.75 -19.77
CA GLY D 53 -5.68 4.68 -19.95
C GLY D 53 -4.67 4.73 -18.83
N SER D 54 -5.00 4.11 -17.69
CA SER D 54 -4.15 4.03 -16.51
C SER D 54 -3.41 2.71 -16.50
N THR D 55 -2.07 2.74 -16.46
CA THR D 55 -1.21 1.54 -16.33
C THR D 55 -0.12 1.86 -15.31
N GLU D 56 -0.24 1.31 -14.12
CA GLU D 56 0.75 1.58 -13.09
C GLU D 56 1.65 0.37 -12.91
N LYS D 57 2.98 0.59 -12.93
CA LYS D 57 4.04 -0.39 -12.76
C LYS D 57 4.00 -1.06 -11.35
N GLY D 58 4.25 -2.39 -11.32
CA GLY D 58 4.34 -3.17 -10.10
C GLY D 58 5.77 -3.19 -9.57
N ASP D 59 6.33 -4.38 -9.34
CA ASP D 59 7.73 -4.59 -8.90
C ASP D 59 8.53 -5.22 -10.04
N LEU D 60 7.87 -6.18 -10.76
CA LEU D 60 8.35 -6.92 -11.93
C LEU D 60 7.91 -6.26 -13.25
N SER D 61 7.80 -4.93 -13.23
CA SER D 61 7.39 -4.07 -14.33
C SER D 61 8.37 -4.06 -15.52
N GLU D 62 9.62 -4.53 -15.29
CA GLU D 62 10.66 -4.57 -16.32
C GLU D 62 10.45 -5.75 -17.25
N GLY D 63 10.60 -5.49 -18.55
CA GLY D 63 10.44 -6.48 -19.61
C GLY D 63 9.02 -6.66 -20.09
N TYR D 64 8.08 -5.86 -19.55
CA TYR D 64 6.66 -5.88 -19.87
C TYR D 64 6.09 -4.49 -20.04
N ASP D 65 4.85 -4.45 -20.57
CA ASP D 65 3.97 -3.31 -20.64
C ASP D 65 2.51 -3.78 -20.66
N ALA D 66 1.63 -2.91 -20.17
CA ALA D 66 0.20 -3.11 -20.08
C ALA D 66 -0.53 -2.04 -20.85
N SER D 67 -1.78 -2.34 -21.23
CA SER D 67 -2.67 -1.47 -21.97
C SER D 67 -4.12 -1.73 -21.54
N ARG D 68 -4.74 -0.77 -20.84
CA ARG D 68 -6.11 -0.88 -20.38
C ARG D 68 -6.99 -0.08 -21.34
N GLU D 69 -7.54 -0.76 -22.34
CA GLU D 69 -8.32 -0.12 -23.42
C GLU D 69 -9.67 0.41 -22.96
N LYS D 70 -10.26 -0.28 -21.99
CA LYS D 70 -11.58 -0.04 -21.44
C LYS D 70 -11.67 -0.71 -20.10
N LYS D 71 -12.71 -0.40 -19.33
CA LYS D 71 -12.93 -0.92 -17.97
C LYS D 71 -12.89 -2.43 -17.99
N SER D 72 -13.56 -3.03 -18.99
CA SER D 72 -13.69 -4.46 -19.13
C SER D 72 -12.35 -5.14 -19.40
N SER D 73 -11.48 -4.54 -20.21
CA SER D 73 -10.26 -5.22 -20.60
C SER D 73 -8.94 -4.62 -20.15
N PHE D 74 -8.08 -5.50 -19.68
CA PHE D 74 -6.69 -5.21 -19.34
C PHE D 74 -5.83 -6.12 -20.22
N SER D 75 -4.72 -5.61 -20.78
CA SER D 75 -3.89 -6.45 -21.65
C SER D 75 -2.42 -6.33 -21.32
N LEU D 76 -1.81 -7.48 -21.02
CA LEU D 76 -0.38 -7.56 -20.73
C LEU D 76 0.34 -7.99 -21.98
N THR D 77 1.54 -7.42 -22.18
CA THR D 77 2.36 -7.76 -23.31
C THR D 77 3.78 -7.98 -22.77
N VAL D 78 4.31 -9.19 -22.99
CA VAL D 78 5.68 -9.64 -22.69
C VAL D 78 6.50 -9.02 -23.82
N THR D 79 7.40 -8.07 -23.50
CA THR D 79 8.16 -7.26 -24.47
C THR D 79 9.03 -8.16 -25.41
N SER D 80 9.66 -9.19 -24.84
CA SER D 80 10.51 -10.17 -25.52
C SER D 80 10.52 -11.45 -24.66
N ALA D 81 10.43 -12.62 -25.30
CA ALA D 81 10.43 -13.90 -24.60
C ALA D 81 11.86 -14.31 -24.22
N GLN D 82 12.04 -14.91 -23.03
CA GLN D 82 13.35 -15.34 -22.54
C GLN D 82 13.67 -16.76 -23.03
N LYS D 83 14.94 -16.98 -23.42
CA LYS D 83 15.55 -18.21 -23.99
C LYS D 83 14.61 -19.43 -23.96
N ASN D 84 14.51 -20.14 -22.81
CA ASN D 84 13.67 -21.34 -22.69
C ASN D 84 12.86 -21.29 -21.39
N GLU D 85 12.35 -20.09 -21.03
CA GLU D 85 11.57 -19.86 -19.81
C GLU D 85 10.15 -20.45 -19.89
N MET D 86 9.59 -20.71 -18.71
CA MET D 86 8.24 -21.21 -18.49
C MET D 86 7.64 -20.30 -17.43
N ALA D 87 6.43 -19.76 -17.68
CA ALA D 87 5.84 -18.81 -16.74
C ALA D 87 4.32 -18.90 -16.62
N VAL D 88 3.78 -18.39 -15.50
CA VAL D 88 2.34 -18.32 -15.25
C VAL D 88 1.95 -16.84 -15.02
N PHE D 89 0.93 -16.38 -15.73
CA PHE D 89 0.47 -15.02 -15.60
C PHE D 89 -0.93 -15.03 -15.13
N LEU D 90 -1.19 -14.28 -14.06
CA LEU D 90 -2.50 -14.27 -13.43
C LEU D 90 -3.15 -12.91 -13.41
N CYS D 91 -4.37 -12.91 -13.88
CA CYS D 91 -5.16 -11.73 -13.92
C CYS D 91 -6.12 -11.65 -12.75
N ALA D 92 -6.22 -10.48 -12.14
CA ALA D 92 -7.15 -10.25 -11.07
C ALA D 92 -7.84 -8.92 -11.26
N SER D 93 -9.12 -8.82 -10.85
CA SER D 93 -9.90 -7.58 -10.85
C SER D 93 -10.35 -7.23 -9.41
N GLY D 94 -10.43 -5.96 -9.09
CA GLY D 94 -10.77 -5.50 -7.76
C GLY D 94 -11.64 -4.27 -7.69
N SER D 95 -12.54 -4.27 -6.69
CA SER D 95 -13.49 -3.22 -6.39
C SER D 95 -12.75 -2.01 -5.84
N LEU D 96 -13.05 -0.83 -6.38
CA LEU D 96 -12.41 0.38 -5.87
C LEU D 96 -13.00 0.81 -4.50
N LEU D 97 -14.17 0.28 -4.13
CA LEU D 97 -14.80 0.65 -2.87
C LEU D 97 -14.83 -0.52 -1.84
N ASP D 98 -14.13 -1.62 -2.13
CA ASP D 98 -14.02 -2.82 -1.29
C ASP D 98 -12.67 -3.50 -1.56
N VAL D 99 -11.69 -3.22 -0.68
CA VAL D 99 -10.34 -3.77 -0.80
C VAL D 99 -10.40 -5.30 -0.81
N ARG D 100 -11.37 -5.89 -0.07
CA ARG D 100 -11.53 -7.33 0.12
C ARG D 100 -12.26 -8.08 -1.00
N GLU D 101 -12.64 -7.41 -2.10
CA GLU D 101 -13.36 -8.01 -3.20
C GLU D 101 -12.39 -8.15 -4.36
N VAL D 102 -11.72 -9.28 -4.40
CA VAL D 102 -10.72 -9.58 -5.40
C VAL D 102 -11.10 -10.90 -6.04
N PHE D 103 -11.15 -10.93 -7.39
CA PHE D 103 -11.48 -12.12 -8.17
C PHE D 103 -10.36 -12.36 -9.12
N PHE D 104 -9.95 -13.66 -9.26
CA PHE D 104 -8.81 -14.08 -10.08
C PHE D 104 -9.18 -14.90 -11.33
N GLY D 105 -8.34 -14.77 -12.35
CA GLY D 105 -8.44 -15.51 -13.61
C GLY D 105 -7.77 -16.86 -13.42
N LYS D 106 -8.10 -17.85 -14.28
CA LYS D 106 -7.58 -19.24 -14.20
C LYS D 106 -6.10 -19.40 -14.71
N GLY D 107 -5.45 -18.30 -15.06
CA GLY D 107 -4.04 -18.26 -15.46
C GLY D 107 -3.74 -18.58 -16.89
N THR D 108 -2.65 -17.99 -17.41
CA THR D 108 -2.13 -18.27 -18.74
C THR D 108 -0.81 -18.99 -18.55
N ARG D 109 -0.58 -20.09 -19.26
CA ARG D 109 0.67 -20.82 -19.14
C ARG D 109 1.53 -20.56 -20.37
N LEU D 110 2.76 -20.03 -20.16
CA LEU D 110 3.73 -19.72 -21.22
C LEU D 110 4.83 -20.78 -21.31
N THR D 111 5.25 -21.09 -22.55
CA THR D 111 6.35 -21.99 -22.88
C THR D 111 7.10 -21.39 -24.07
N VAL D 112 8.38 -21.04 -23.86
CA VAL D 112 9.26 -20.50 -24.90
C VAL D 112 9.98 -21.68 -25.53
N VAL D 113 10.02 -21.74 -26.87
CA VAL D 113 10.65 -22.85 -27.62
C VAL D 113 11.87 -22.39 -28.47
N GLU D 114 12.79 -23.33 -28.74
CA GLU D 114 14.01 -23.12 -29.55
C GLU D 114 13.62 -22.78 -31.01
N ASP D 115 12.85 -23.69 -31.64
CA ASP D 115 12.28 -23.59 -32.99
C ASP D 115 10.90 -24.24 -32.95
N LEU D 116 9.90 -23.68 -33.68
CA LEU D 116 8.55 -24.26 -33.74
C LEU D 116 8.59 -25.72 -34.26
N LYS D 117 9.71 -26.13 -34.92
CA LYS D 117 10.02 -27.47 -35.44
C LYS D 117 9.90 -28.55 -34.33
N ASN D 118 10.05 -28.13 -33.06
CA ASN D 118 9.98 -28.95 -31.83
C ASN D 118 8.52 -29.22 -31.39
N VAL D 119 7.54 -28.42 -31.90
CA VAL D 119 6.14 -28.53 -31.50
C VAL D 119 5.45 -29.72 -32.20
N PHE D 120 5.01 -30.72 -31.40
CA PHE D 120 4.33 -31.96 -31.81
C PHE D 120 3.04 -32.24 -31.03
N PRO D 121 1.99 -32.75 -31.70
CA PRO D 121 0.75 -33.11 -30.97
C PRO D 121 0.84 -34.50 -30.32
N PRO D 122 -0.01 -34.84 -29.32
CA PRO D 122 0.06 -36.18 -28.73
C PRO D 122 -0.55 -37.27 -29.58
N GLU D 123 -0.11 -38.52 -29.38
CA GLU D 123 -0.67 -39.72 -30.01
C GLU D 123 -1.34 -40.52 -28.86
N VAL D 124 -2.69 -40.58 -28.91
CA VAL D 124 -3.59 -41.13 -27.89
C VAL D 124 -4.11 -42.57 -28.18
N ALA D 125 -3.79 -43.49 -27.26
CA ALA D 125 -4.18 -44.90 -27.29
C ALA D 125 -4.87 -45.36 -25.98
N VAL D 126 -6.02 -46.08 -26.12
CA VAL D 126 -6.78 -46.67 -25.00
C VAL D 126 -6.43 -48.16 -24.95
N PHE D 127 -6.15 -48.65 -23.74
CA PHE D 127 -5.82 -50.02 -23.47
C PHE D 127 -6.99 -50.61 -22.71
N GLU D 128 -7.61 -51.65 -23.32
CA GLU D 128 -8.76 -52.37 -22.77
C GLU D 128 -8.32 -53.12 -21.49
N PRO D 129 -9.19 -53.28 -20.47
CA PRO D 129 -8.73 -53.93 -19.23
C PRO D 129 -8.35 -55.41 -19.36
N SER D 130 -7.73 -55.95 -18.28
CA SER D 130 -7.28 -57.32 -18.17
C SER D 130 -8.41 -58.24 -17.70
N GLU D 131 -8.61 -59.36 -18.46
CA GLU D 131 -9.58 -60.41 -18.16
C GLU D 131 -9.24 -61.03 -16.81
N ALA D 132 -7.97 -60.82 -16.36
CA ALA D 132 -7.39 -61.23 -15.10
C ALA D 132 -7.90 -60.37 -13.92
N GLU D 133 -8.14 -59.07 -14.15
CA GLU D 133 -8.65 -58.14 -13.15
C GLU D 133 -10.15 -58.34 -12.91
N ILE D 134 -10.92 -58.73 -13.97
CA ILE D 134 -12.37 -58.95 -13.86
C ILE D 134 -12.66 -60.21 -13.02
N SER D 135 -11.84 -61.27 -13.19
CA SER D 135 -11.97 -62.55 -12.49
C SER D 135 -11.45 -62.46 -11.04
N HIS D 136 -10.72 -61.37 -10.70
CA HIS D 136 -10.15 -61.17 -9.37
C HIS D 136 -10.91 -60.08 -8.62
N THR D 137 -10.84 -58.83 -9.12
CA THR D 137 -11.42 -57.63 -8.51
C THR D 137 -12.91 -57.39 -8.87
N GLN D 138 -13.33 -57.77 -10.10
CA GLN D 138 -14.66 -57.56 -10.69
C GLN D 138 -14.81 -56.06 -11.02
N LYS D 139 -13.64 -55.45 -11.29
CA LYS D 139 -13.45 -54.06 -11.64
C LYS D 139 -12.60 -54.00 -12.91
N ALA D 140 -13.09 -53.24 -13.90
CA ALA D 140 -12.44 -53.04 -15.18
C ALA D 140 -11.76 -51.68 -15.22
N THR D 141 -10.46 -51.69 -15.48
CA THR D 141 -9.67 -50.46 -15.56
C THR D 141 -9.27 -50.20 -17.01
N LEU D 142 -9.93 -49.24 -17.67
CA LEU D 142 -9.51 -48.82 -19.01
C LEU D 142 -8.30 -47.90 -18.83
N VAL D 143 -7.19 -48.16 -19.54
CA VAL D 143 -6.04 -47.26 -19.37
C VAL D 143 -5.81 -46.47 -20.68
N CYS D 144 -5.30 -45.22 -20.56
CA CYS D 144 -5.04 -44.34 -21.69
C CYS D 144 -3.63 -43.76 -21.65
N LEU D 145 -3.04 -43.58 -22.84
CA LEU D 145 -1.72 -42.98 -23.00
C LEU D 145 -1.75 -41.90 -24.03
N ALA D 146 -1.10 -40.76 -23.72
CA ALA D 146 -0.87 -39.58 -24.56
C ALA D 146 0.63 -39.39 -24.63
N THR D 147 1.20 -39.69 -25.78
CA THR D 147 2.65 -39.71 -25.94
C THR D 147 3.10 -38.84 -27.11
N GLY D 148 4.34 -38.35 -27.00
CA GLY D 148 5.03 -37.55 -28.01
C GLY D 148 4.48 -36.17 -28.26
N PHE D 149 4.11 -35.45 -27.19
CA PHE D 149 3.58 -34.13 -27.35
C PHE D 149 4.49 -33.08 -26.74
N TYR D 150 4.58 -31.91 -27.40
CA TYR D 150 5.36 -30.78 -26.90
C TYR D 150 4.68 -29.48 -27.29
N PRO D 151 4.44 -28.52 -26.34
CA PRO D 151 4.73 -28.55 -24.88
C PRO D 151 3.67 -29.35 -24.11
N ASP D 152 3.66 -29.31 -22.75
CA ASP D 152 2.61 -30.04 -22.00
C ASP D 152 1.35 -29.13 -21.83
N HIS D 153 0.84 -28.70 -22.99
CA HIS D 153 -0.36 -27.88 -23.11
C HIS D 153 -1.50 -28.81 -23.49
N VAL D 154 -1.81 -29.75 -22.57
CA VAL D 154 -2.84 -30.76 -22.78
C VAL D 154 -3.93 -30.75 -21.71
N GLU D 155 -5.09 -31.33 -22.09
CA GLU D 155 -6.35 -31.50 -21.36
C GLU D 155 -7.04 -32.85 -21.70
N LEU D 156 -6.76 -33.88 -20.89
CA LEU D 156 -7.29 -35.25 -21.03
C LEU D 156 -8.67 -35.36 -20.36
N SER D 157 -9.59 -36.11 -20.96
CA SER D 157 -10.94 -36.32 -20.42
C SER D 157 -11.52 -37.67 -20.87
N TRP D 158 -12.30 -38.31 -19.98
CA TRP D 158 -12.94 -39.58 -20.28
C TRP D 158 -14.41 -39.35 -20.60
N TRP D 159 -14.95 -40.07 -21.60
CA TRP D 159 -16.34 -39.91 -22.07
C TRP D 159 -17.04 -41.26 -22.27
N VAL D 160 -18.12 -41.50 -21.51
CA VAL D 160 -18.87 -42.74 -21.67
C VAL D 160 -20.28 -42.41 -22.12
N ASN D 161 -20.72 -43.06 -23.20
CA ASN D 161 -22.04 -42.94 -23.83
C ASN D 161 -22.35 -41.46 -24.19
N GLY D 162 -21.32 -40.73 -24.64
CA GLY D 162 -21.45 -39.34 -25.04
C GLY D 162 -21.29 -38.32 -23.94
N LYS D 163 -21.39 -38.74 -22.66
CA LYS D 163 -21.26 -37.84 -21.51
C LYS D 163 -19.89 -37.95 -20.85
N GLU D 164 -19.29 -36.79 -20.51
CA GLU D 164 -17.98 -36.68 -19.85
C GLU D 164 -18.06 -37.29 -18.45
N VAL D 165 -16.98 -37.93 -17.95
CA VAL D 165 -17.01 -38.54 -16.62
C VAL D 165 -15.84 -38.12 -15.72
N HIS D 166 -16.11 -38.12 -14.40
CA HIS D 166 -15.15 -37.80 -13.38
C HIS D 166 -15.02 -38.91 -12.37
N SER D 167 -16.09 -39.69 -12.14
CA SER D 167 -16.05 -40.80 -11.19
C SER D 167 -15.24 -41.95 -11.79
N GLY D 168 -14.32 -42.50 -10.99
CA GLY D 168 -13.44 -43.61 -11.35
C GLY D 168 -12.24 -43.19 -12.19
N VAL D 169 -12.16 -41.90 -12.49
CA VAL D 169 -11.13 -41.30 -13.31
C VAL D 169 -9.94 -40.84 -12.44
N CYS D 170 -8.76 -40.92 -13.04
CA CYS D 170 -7.50 -40.44 -12.51
C CYS D 170 -6.54 -40.17 -13.64
N THR D 171 -5.98 -38.95 -13.69
CA THR D 171 -4.99 -38.52 -14.67
C THR D 171 -3.69 -38.19 -13.93
N ASP D 172 -2.53 -38.35 -14.59
CA ASP D 172 -1.23 -37.99 -14.00
C ASP D 172 -1.19 -36.52 -13.64
N PRO D 173 -0.68 -36.17 -12.44
CA PRO D 173 -0.58 -34.75 -12.08
C PRO D 173 0.54 -34.01 -12.84
N GLN D 174 1.66 -34.73 -13.13
CA GLN D 174 2.81 -34.24 -13.88
C GLN D 174 3.14 -35.15 -15.07
N PRO D 175 3.55 -34.60 -16.23
CA PRO D 175 3.90 -35.47 -17.38
C PRO D 175 5.35 -35.99 -17.33
N LEU D 176 5.61 -37.09 -18.05
CA LEU D 176 6.90 -37.77 -18.14
C LEU D 176 7.66 -37.31 -19.39
N LYS D 177 8.95 -36.95 -19.26
CA LYS D 177 9.77 -36.54 -20.42
C LYS D 177 10.13 -37.77 -21.28
N GLU D 178 10.37 -37.57 -22.60
CA GLU D 178 10.81 -38.66 -23.48
C GLU D 178 12.32 -38.81 -23.33
N GLN D 179 13.07 -37.74 -23.70
CA GLN D 179 14.52 -37.62 -23.58
C GLN D 179 14.83 -36.50 -22.56
N PRO D 180 14.84 -36.81 -21.22
CA PRO D 180 15.10 -35.75 -20.22
C PRO D 180 16.47 -35.09 -20.32
N ALA D 181 17.44 -35.77 -20.98
CA ALA D 181 18.81 -35.30 -21.24
C ALA D 181 18.82 -34.07 -22.17
N LEU D 182 17.86 -34.00 -23.11
CA LEU D 182 17.74 -32.88 -24.05
C LEU D 182 16.66 -31.90 -23.59
N ASN D 183 16.87 -30.60 -23.86
CA ASN D 183 15.90 -29.55 -23.55
C ASN D 183 14.89 -29.51 -24.69
N ASP D 184 13.60 -29.21 -24.36
CA ASP D 184 12.45 -29.16 -25.29
C ASP D 184 12.15 -30.59 -25.82
N SER D 185 12.16 -31.58 -24.89
CA SER D 185 11.88 -33.00 -25.17
C SER D 185 10.39 -33.29 -25.07
N ARG D 186 9.90 -34.16 -25.98
CA ARG D 186 8.49 -34.56 -26.06
C ARG D 186 8.03 -35.25 -24.75
N TYR D 187 6.71 -35.20 -24.46
CA TYR D 187 6.13 -35.71 -23.21
C TYR D 187 5.18 -36.90 -23.38
N ALA D 188 5.02 -37.65 -22.27
CA ALA D 188 4.11 -38.77 -22.12
C ALA D 188 3.18 -38.49 -20.94
N LEU D 189 1.92 -38.97 -21.03
CA LEU D 189 0.89 -38.81 -20.02
C LEU D 189 0.00 -40.07 -19.95
N SER D 190 -0.35 -40.53 -18.71
CA SER D 190 -1.21 -41.69 -18.51
C SER D 190 -2.47 -41.33 -17.70
N SER D 191 -3.58 -42.03 -17.97
CA SER D 191 -4.87 -41.81 -17.32
C SER D 191 -5.70 -43.09 -17.24
N ARG D 192 -6.07 -43.46 -16.02
CA ARG D 192 -6.85 -44.66 -15.72
C ARG D 192 -8.33 -44.30 -15.58
N LEU D 193 -9.23 -45.24 -15.89
CA LEU D 193 -10.67 -45.11 -15.71
C LEU D 193 -11.21 -46.44 -15.26
N ARG D 194 -11.88 -46.47 -14.10
CA ARG D 194 -12.43 -47.71 -13.55
C ARG D 194 -13.96 -47.69 -13.53
N VAL D 195 -14.56 -48.78 -14.02
CA VAL D 195 -16.00 -49.02 -14.07
C VAL D 195 -16.27 -50.42 -13.53
N SER D 196 -17.52 -50.71 -13.09
CA SER D 196 -17.88 -52.06 -12.60
C SER D 196 -17.84 -53.07 -13.78
N ALA D 197 -17.41 -54.33 -13.51
CA ALA D 197 -17.30 -55.41 -14.51
C ALA D 197 -18.54 -55.45 -15.42
N THR D 198 -19.75 -55.56 -14.80
CA THR D 198 -21.09 -55.60 -15.40
C THR D 198 -21.30 -54.47 -16.42
N PHE D 199 -20.77 -53.27 -16.13
CA PHE D 199 -20.85 -52.11 -17.01
C PHE D 199 -19.97 -52.32 -18.24
N TRP D 200 -18.66 -52.63 -18.03
CA TRP D 200 -17.69 -52.87 -19.10
C TRP D 200 -18.09 -54.07 -20.00
N GLN D 201 -18.59 -55.18 -19.40
CA GLN D 201 -19.02 -56.42 -20.07
C GLN D 201 -19.99 -56.18 -21.24
N ASN D 202 -20.82 -55.14 -21.10
CA ASN D 202 -21.82 -54.67 -22.06
C ASN D 202 -21.15 -54.00 -23.29
N PRO D 203 -21.34 -54.53 -24.53
CA PRO D 203 -20.75 -53.88 -25.70
C PRO D 203 -21.66 -52.80 -26.29
N ARG D 204 -22.58 -52.26 -25.45
CA ARG D 204 -23.51 -51.16 -25.76
C ARG D 204 -23.08 -49.90 -24.97
N ASN D 205 -22.09 -50.09 -24.08
CA ASN D 205 -21.48 -49.02 -23.30
C ASN D 205 -20.21 -48.63 -24.04
N HIS D 206 -20.20 -47.42 -24.58
CA HIS D 206 -19.12 -46.84 -25.38
C HIS D 206 -18.20 -46.01 -24.47
N PHE D 207 -16.88 -46.22 -24.61
CA PHE D 207 -15.85 -45.49 -23.81
C PHE D 207 -14.92 -44.70 -24.74
N ARG D 208 -14.89 -43.38 -24.58
CA ARG D 208 -14.07 -42.49 -25.39
C ARG D 208 -13.07 -41.69 -24.52
N CYS D 209 -11.82 -41.64 -24.99
CA CYS D 209 -10.74 -40.94 -24.32
C CYS D 209 -10.30 -39.70 -25.13
N GLN D 210 -10.73 -38.50 -24.69
CA GLN D 210 -10.46 -37.20 -25.32
C GLN D 210 -9.18 -36.56 -24.80
N VAL D 211 -8.42 -35.91 -25.69
CA VAL D 211 -7.21 -35.16 -25.31
C VAL D 211 -7.17 -33.85 -26.10
N GLN D 212 -7.16 -32.71 -25.41
CA GLN D 212 -7.15 -31.42 -26.09
C GLN D 212 -5.74 -30.90 -26.14
N PHE D 213 -5.18 -30.81 -27.37
CA PHE D 213 -3.86 -30.26 -27.56
C PHE D 213 -3.97 -28.83 -27.97
N TYR D 214 -3.18 -27.99 -27.29
CA TYR D 214 -3.08 -26.56 -27.48
C TYR D 214 -1.77 -26.26 -28.13
N GLY D 215 -1.82 -26.18 -29.46
CA GLY D 215 -0.66 -26.01 -30.31
C GLY D 215 -0.51 -24.70 -31.03
N LEU D 216 -0.66 -24.73 -32.35
CA LEU D 216 -0.43 -23.55 -33.18
C LEU D 216 -1.71 -23.06 -33.88
N SER D 217 -1.59 -21.99 -34.68
CA SER D 217 -2.70 -21.35 -35.36
C SER D 217 -2.29 -20.81 -36.75
N GLU D 218 -3.06 -19.83 -37.30
CA GLU D 218 -2.75 -19.11 -38.55
C GLU D 218 -1.58 -18.18 -38.19
N ASN D 219 -1.75 -17.42 -37.06
CA ASN D 219 -0.72 -16.65 -36.36
C ASN D 219 0.11 -17.75 -35.71
N ASP D 220 1.44 -17.79 -35.96
CA ASP D 220 2.36 -18.88 -35.59
C ASP D 220 2.32 -19.84 -36.82
N GLU D 221 2.64 -19.32 -38.02
CA GLU D 221 2.64 -20.11 -39.27
C GLU D 221 4.05 -20.61 -39.61
N TRP D 222 4.17 -21.89 -39.97
CA TRP D 222 5.50 -22.40 -40.27
C TRP D 222 5.66 -22.68 -41.75
N THR D 223 6.81 -23.32 -42.11
CA THR D 223 7.21 -23.68 -43.48
C THR D 223 7.79 -25.12 -43.53
N GLN D 224 7.43 -25.96 -42.53
CA GLN D 224 7.90 -27.35 -42.43
C GLN D 224 7.09 -28.28 -43.37
N ASP D 225 7.47 -29.59 -43.43
CA ASP D 225 6.84 -30.59 -44.28
C ASP D 225 5.54 -31.16 -43.68
N ARG D 226 5.65 -32.08 -42.66
CA ARG D 226 4.51 -32.73 -41.95
C ARG D 226 3.48 -31.72 -41.38
N ALA D 227 2.19 -32.16 -41.29
CA ALA D 227 0.99 -31.41 -40.91
C ALA D 227 1.20 -30.47 -39.72
N LYS D 228 0.64 -29.22 -39.80
CA LYS D 228 0.75 -28.20 -38.74
C LYS D 228 0.41 -28.77 -37.36
N PRO D 229 1.18 -28.42 -36.27
CA PRO D 229 0.84 -28.93 -34.94
C PRO D 229 -0.13 -27.96 -34.28
N VAL D 230 -1.26 -27.73 -34.96
CA VAL D 230 -2.35 -26.86 -34.55
C VAL D 230 -3.07 -27.43 -33.34
N THR D 231 -3.92 -26.60 -32.74
CA THR D 231 -4.80 -26.99 -31.66
C THR D 231 -5.80 -27.98 -32.22
N GLN D 232 -6.01 -29.07 -31.50
CA GLN D 232 -6.85 -30.16 -31.97
C GLN D 232 -7.25 -31.07 -30.83
N ILE D 233 -8.11 -32.04 -31.14
CA ILE D 233 -8.53 -33.10 -30.25
C ILE D 233 -8.11 -34.41 -30.89
N VAL D 234 -7.35 -35.19 -30.16
CA VAL D 234 -6.92 -36.50 -30.61
C VAL D 234 -7.49 -37.44 -29.54
N SER D 235 -8.52 -38.20 -29.92
CA SER D 235 -9.23 -39.10 -29.02
C SER D 235 -9.26 -40.54 -29.53
N ALA D 236 -9.18 -41.51 -28.58
CA ALA D 236 -9.21 -42.97 -28.78
C ALA D 236 -10.59 -43.53 -28.30
N GLU D 237 -10.94 -44.77 -28.69
CA GLU D 237 -12.26 -45.33 -28.40
C GLU D 237 -12.24 -46.84 -28.11
N ALA D 238 -13.27 -47.33 -27.37
CA ALA D 238 -13.48 -48.75 -27.00
C ALA D 238 -14.96 -49.05 -26.66
N TRP D 239 -15.33 -50.37 -26.63
CA TRP D 239 -16.69 -50.83 -26.33
C TRP D 239 -16.76 -51.95 -25.30
N GLY D 240 -16.02 -53.04 -25.53
CA GLY D 240 -16.01 -54.20 -24.64
C GLY D 240 -17.10 -55.21 -24.91
C1 NAG E . 11.00 15.56 -8.00
C2 NAG E . 12.02 15.56 -9.14
C3 NAG E . 13.41 15.77 -8.55
C4 NAG E . 13.46 17.08 -7.75
C5 NAG E . 12.33 17.13 -6.72
C6 NAG E . 12.17 18.48 -6.07
C7 NAG E . 11.63 14.27 -11.18
C8 NAG E . 11.43 12.90 -11.75
N2 NAG E . 11.97 14.31 -9.89
O3 NAG E . 14.35 15.80 -9.62
O4 NAG E . 14.71 17.22 -7.11
O5 NAG E . 11.07 16.81 -7.34
O6 NAG E . 11.53 19.42 -6.92
O7 NAG E . 11.48 15.29 -11.86
C1 NAG E . 15.58 18.21 -7.63
C2 NAG E . 16.42 18.83 -6.52
C3 NAG E . 17.24 19.95 -7.15
C4 NAG E . 18.09 19.42 -8.31
C5 NAG E . 17.23 18.63 -9.30
C6 NAG E . 18.03 17.87 -10.34
C7 NAG E . 15.69 18.89 -4.16
C8 NAG E . 14.80 19.59 -3.17
N2 NAG E . 15.61 19.35 -5.43
O3 NAG E . 18.08 20.52 -6.15
O4 NAG E . 18.74 20.49 -8.98
O5 NAG E . 16.46 17.64 -8.60
O6 NAG E . 17.20 17.00 -11.10
O7 NAG E . 16.43 17.97 -3.83
C1 NAG F . 11.15 12.47 4.12
C2 NAG F . 12.28 12.38 3.10
C3 NAG F . 12.11 11.05 2.36
C4 NAG F . 12.21 9.88 3.33
C5 NAG F . 11.22 10.03 4.49
C6 NAG F . 11.54 9.14 5.67
C7 NAG F . 13.12 14.42 2.06
C8 NAG F . 13.10 15.23 0.80
N2 NAG F . 12.19 13.49 2.17
O3 NAG F . 13.10 10.95 1.35
O4 NAG F . 11.96 8.65 2.65
O5 NAG F . 11.26 11.36 5.02
O6 NAG F . 12.52 9.74 6.51
O7 NAG F . 13.97 14.60 2.93
C1 NAG F . 12.96 7.62 2.68
C2 NAG F . 12.39 6.35 2.04
C3 NAG F . 13.45 5.29 1.77
C4 NAG F . 14.72 5.86 1.15
C5 NAG F . 15.18 7.10 1.95
C6 NAG F . 16.38 7.82 1.37
C7 NAG F . 10.08 6.01 2.83
C8 NAG F . 9.23 5.50 3.96
N2 NAG F . 11.40 5.85 2.97
O3 NAG F . 12.91 4.28 0.91
O4 NAG F . 15.67 4.79 1.22
O5 NAG F . 14.13 8.06 2.01
O6 NAG F . 16.04 8.58 0.22
O7 NAG F . 9.59 6.57 1.84
C1 BMA F . 16.80 4.71 0.34
C2 BMA F . 18.04 4.83 1.21
C3 BMA F . 19.27 4.83 0.32
C4 BMA F . 19.31 3.59 -0.57
C5 BMA F . 17.97 3.39 -1.30
C6 BMA F . 17.86 2.05 -1.99
O2 BMA F . 18.07 3.75 2.13
O3 BMA F . 20.43 4.93 1.13
O4 BMA F . 20.39 3.72 -1.51
O5 BMA F . 16.86 3.48 -0.39
O6 BMA F . 16.56 1.83 -2.51
C1 MAN F . 21.69 3.26 -1.12
C2 MAN F . 22.67 4.47 -1.05
C3 MAN F . 23.21 4.85 -2.43
C4 MAN F . 23.73 3.62 -3.18
C5 MAN F . 22.60 2.58 -3.27
C6 MAN F . 23.00 1.31 -3.98
O2 MAN F . 23.71 4.23 -0.11
O3 MAN F . 24.24 5.83 -2.30
O4 MAN F . 24.17 4.00 -4.48
O5 MAN F . 22.20 2.21 -1.94
O6 MAN F . 21.89 0.44 -4.15
C1 NAG G . -17.03 10.22 18.34
C2 NAG G . -17.90 8.97 18.35
C3 NAG G . -18.78 9.10 17.10
C4 NAG G . -19.61 10.39 17.17
C5 NAG G . -18.67 11.58 17.25
C6 NAG G . -19.35 12.93 17.37
C7 NAG G . -16.54 7.15 19.34
C8 NAG G . -15.70 5.93 19.03
N2 NAG G . -17.06 7.79 18.26
O3 NAG G . -19.61 7.96 16.93
O4 NAG G . -20.48 10.53 16.05
O5 NAG G . -17.80 11.43 18.39
O6 NAG G . -18.58 13.96 16.75
O7 NAG G . -16.74 7.53 20.49
C1 NAG G . -21.87 10.30 16.23
C2 NAG G . -22.59 10.76 14.96
C3 NAG G . -23.99 10.18 14.78
C4 NAG G . -24.00 8.69 15.12
C5 NAG G . -23.44 8.48 16.54
C6 NAG G . -23.44 7.05 17.00
C7 NAG G . -21.98 12.93 13.97
C8 NAG G . -21.78 14.37 14.27
N2 NAG G . -22.61 12.21 14.91
O3 NAG G . -24.37 10.39 13.42
O4 NAG G . -25.17 7.91 14.84
O5 NAG G . -22.07 8.92 16.56
O6 NAG G . -23.04 6.95 18.37
O7 NAG G . -21.59 12.42 12.91
C1 BMA G . -26.56 8.32 14.85
C2 BMA G . -27.17 8.63 16.22
C3 BMA G . -28.69 8.66 16.09
C4 BMA G . -29.15 9.56 14.92
C5 BMA G . -28.37 9.26 13.64
C6 BMA G . -28.64 10.25 12.53
O2 BMA G . -26.70 9.87 16.74
O3 BMA G . -29.30 9.07 17.31
O4 BMA G . -30.54 9.36 14.71
O5 BMA G . -26.95 9.30 13.88
O6 BMA G . -27.88 9.93 11.36
C1 CIS H . -3.43 5.17 9.55
C CIS H . -3.24 4.65 8.11
O CIS H . -3.55 3.25 7.92
C43 CIS H . -4.13 2.59 9.07
C44 CIS H . -4.38 1.11 8.70
O3 CIS H . -5.23 1.00 7.54
O6 CIS H . -3.28 2.69 10.23
C47 CIS H . -3.88 2.04 11.37
C48 CIS H . -2.96 2.24 12.60
O7 CIS H . -2.56 1.01 13.19
C46 CIS H . -4.08 0.53 11.11
O5 CIS H . -2.84 -0.12 10.87
C45 CIS H . -5.01 0.37 9.89
O4 CIS H . -5.22 -1.03 9.57
S CIS H . -6.32 -1.66 10.45
O10 CIS H . -7.14 -2.40 9.56
O9 CIS H . -6.81 -0.66 11.33
O8 CIS H . -5.64 -2.69 11.34
N CIS H . -4.78 5.69 9.77
C18 CIS H . -5.08 6.34 10.93
O2 CIS H . -4.25 6.50 11.79
#